data_2XZK
#
_entry.id   2XZK
#
_cell.length_a   75.680
_cell.length_b   58.080
_cell.length_c   94.450
_cell.angle_alpha   90.00
_cell.angle_beta   100.05
_cell.angle_gamma   90.00
#
_symmetry.space_group_name_H-M   'P 1 21 1'
#
loop_
_entity.id
_entity.type
_entity.pdbx_description
1 polymer 'EXTRACELLULAR SIALIDASE/NEURAMINIDASE, PUTATIVE'
2 non-polymer '3-deoxy-3-fluoro-D-erythro-alpha-L-manno-non-2-ulopyranosonic acid'
3 non-polymer '(2R,3R,4R,5R,6S)-2,3-bis(fluoranyl)-4,5-bis(oxidanyl)-6-[(1R,2R)-1,2,3-tris(oxidanyl)propyl]oxane-2-carboxylic acid'
4 non-polymer GLYCEROL
5 non-polymer 'NITRATE ION'
6 non-polymer 'SODIUM ION'
7 non-polymer 'CHLORIDE ION'
8 water water
#
_entity_poly.entity_id   1
_entity_poly.type   'polypeptide(L)'
_entity_poly.pdbx_seq_one_letter_code
;INDPAKSAAPYHDEFPLFRSANMASPDKLSTGIGFHSFRIPAVVRTTTGRILAFAEGRRHTNQDFGDINLVYKRTKTTAN
NGASPSDWEPLREVVGSGAGTWGNPTPVVDDDNTIYLFLSWNGATYSQNGKDVLPDGTVTKKIDSTWEGRRHLYLTESRD
DGNTWSKPVDLTKELTPDGWAWDAVGPGNGIRLTTGELVIPAMGRNIIGRGAPGNRTWSVQRLSGAGAEGTIVQTPDGKL
YRNDRPSQKGYRMVARGTLEGFGAFAPDAGLPDPACQGSVLRYNSDAPARTIFLNSASGTSRRAMRVRISYDADAKKFNY
GRKLEDAKVSGAGHEGGYSSMTKTGDYKIGALVESDFFNDGTGKNSYRAIIWRRFNLSWILNGPNN
;
_entity_poly.pdbx_strand_id   A,B
#
loop_
_chem_comp.id
_chem_comp.type
_chem_comp.name
_chem_comp.formula
CL non-polymer 'CHLORIDE ION' 'Cl -1'
FKD L-saccharide, alpha linking '3-deoxy-3-fluoro-D-erythro-alpha-L-manno-non-2-ulopyranosonic acid' 'C9 H15 F O9'
GOL non-polymer GLYCEROL 'C3 H8 O3'
K99 D-saccharide '(2R,3R,4R,5R,6S)-2,3-bis(fluoranyl)-4,5-bis(oxidanyl)-6-[(1R,2R)-1,2,3-tris(oxidanyl)propyl]oxane-2-carboxylic acid' 'C9 H14 F2 O8'
NA non-polymer 'SODIUM ION' 'Na 1'
NO3 non-polymer 'NITRATE ION' 'N O3 -1'
#
# COMPACT_ATOMS: atom_id res chain seq x y z
N ASN A 2 3.84 -1.08 -15.33
CA ASN A 2 2.77 -0.20 -14.79
C ASN A 2 2.13 -0.69 -13.47
N ASP A 3 0.85 -0.40 -13.29
CA ASP A 3 0.14 -0.67 -12.02
C ASP A 3 0.00 -2.17 -11.75
N PRO A 4 0.63 -2.66 -10.67
CA PRO A 4 0.66 -4.11 -10.47
C PRO A 4 -0.71 -4.71 -10.16
N ALA A 5 -1.66 -3.86 -9.77
CA ALA A 5 -3.03 -4.31 -9.54
C ALA A 5 -3.72 -4.80 -10.82
N LYS A 6 -3.19 -4.43 -11.98
CA LYS A 6 -3.75 -4.86 -13.26
C LYS A 6 -3.67 -6.39 -13.46
N SER A 7 -2.78 -7.04 -12.70
CA SER A 7 -2.53 -8.47 -12.84
CA SER A 7 -2.52 -8.47 -12.84
C SER A 7 -3.53 -9.35 -12.08
N ALA A 8 -4.29 -8.74 -11.17
CA ALA A 8 -5.35 -9.46 -10.47
C ALA A 8 -6.45 -9.83 -11.45
N ALA A 9 -7.22 -10.87 -11.15
CA ALA A 9 -8.38 -11.20 -11.96
C ALA A 9 -9.36 -10.04 -11.88
N PRO A 10 -9.77 -9.49 -13.05
CA PRO A 10 -10.74 -8.38 -13.00
C PRO A 10 -12.03 -8.83 -12.35
N TYR A 11 -12.64 -7.93 -11.58
CA TYR A 11 -13.88 -8.26 -10.89
C TYR A 11 -14.85 -7.10 -11.03
N HIS A 12 -16.09 -7.40 -11.38
CA HIS A 12 -17.15 -6.38 -11.26
C HIS A 12 -18.43 -7.07 -10.85
N ASP A 13 -19.31 -6.31 -10.22
CA ASP A 13 -20.50 -6.86 -9.59
C ASP A 13 -21.42 -5.66 -9.52
N GLU A 14 -22.64 -5.79 -10.02
CA GLU A 14 -23.57 -4.65 -10.07
C GLU A 14 -25.03 -5.09 -10.00
N PHE A 15 -25.83 -4.34 -9.26
CA PHE A 15 -27.28 -4.55 -9.19
C PHE A 15 -27.96 -3.31 -8.61
N PRO A 16 -29.26 -3.12 -8.88
CA PRO A 16 -29.98 -2.00 -8.24
C PRO A 16 -30.07 -2.20 -6.73
N LEU A 17 -29.82 -1.13 -5.98
CA LEU A 17 -29.89 -1.17 -4.52
C LEU A 17 -31.06 -0.37 -3.98
N PHE A 18 -31.43 0.69 -4.69
CA PHE A 18 -32.63 1.47 -4.37
C PHE A 18 -33.55 1.41 -5.59
N ARG A 19 -34.63 0.67 -5.39
CA ARG A 19 -35.56 0.28 -6.44
C ARG A 19 -36.79 1.18 -6.40
N SER A 20 -36.93 1.97 -7.47
CA SER A 20 -38.00 2.96 -7.59
C SER A 20 -39.37 2.29 -7.67
N ALA A 21 -40.44 3.08 -7.49
CA ALA A 21 -41.82 2.58 -7.38
C ALA A 21 -42.30 1.75 -8.58
N ASN A 22 -41.70 1.96 -9.75
CA ASN A 22 -42.10 1.27 -10.98
C ASN A 22 -41.52 -0.12 -11.11
N MET A 23 -40.52 -0.43 -10.29
CA MET A 23 -39.82 -1.70 -10.41
C MET A 23 -40.51 -2.80 -9.62
N ALA A 24 -40.24 -4.06 -9.98
CA ALA A 24 -40.60 -5.19 -9.13
C ALA A 24 -39.89 -5.02 -7.79
N SER A 25 -40.52 -5.47 -6.70
CA SER A 25 -40.00 -5.31 -5.34
C SER A 25 -39.45 -3.90 -5.08
N PRO A 26 -40.30 -2.88 -5.22
CA PRO A 26 -39.85 -1.51 -4.94
C PRO A 26 -39.44 -1.35 -3.47
N ASP A 27 -38.49 -0.47 -3.22
CA ASP A 27 -38.05 -0.25 -1.84
C ASP A 27 -39.01 0.64 -1.08
N LYS A 28 -39.46 0.09 0.05
CA LYS A 28 -40.37 0.76 1.00
C LYS A 28 -39.86 0.60 2.42
N LEU A 29 -40.23 1.53 3.30
CA LEU A 29 -39.95 1.39 4.72
C LEU A 29 -40.85 0.33 5.37
N SER A 30 -40.50 -0.06 6.60
CA SER A 30 -41.26 -1.06 7.37
C SER A 30 -42.64 -0.53 7.73
N THR A 31 -42.77 0.79 7.70
CA THR A 31 -44.01 1.48 8.01
C THR A 31 -44.98 1.51 6.81
N GLY A 32 -44.53 0.99 5.67
CA GLY A 32 -45.32 0.94 4.44
C GLY A 32 -45.05 2.08 3.46
N ILE A 33 -44.37 3.11 3.93
CA ILE A 33 -44.02 4.29 3.11
C ILE A 33 -43.12 3.92 1.92
N GLY A 34 -43.60 4.26 0.73
CA GLY A 34 -42.90 4.04 -0.54
C GLY A 34 -42.39 5.33 -1.16
N PHE A 35 -41.63 5.18 -2.24
CA PHE A 35 -40.98 6.33 -2.88
C PHE A 35 -41.00 6.21 -4.39
N HIS A 36 -41.42 7.28 -5.06
CA HIS A 36 -41.39 7.36 -6.51
C HIS A 36 -39.98 7.11 -7.02
N SER A 37 -39.02 7.87 -6.48
CA SER A 37 -37.66 7.89 -6.97
C SER A 37 -36.65 7.90 -5.82
N PHE A 38 -35.48 7.34 -6.09
CA PHE A 38 -34.33 7.47 -5.20
C PHE A 38 -33.24 8.20 -5.93
N ARG A 39 -32.72 9.25 -5.30
CA ARG A 39 -31.67 10.07 -5.90
C ARG A 39 -30.67 10.45 -4.84
N ILE A 40 -29.55 11.00 -5.29
CA ILE A 40 -28.55 11.65 -4.43
C ILE A 40 -27.86 10.68 -3.47
N PRO A 41 -27.09 9.73 -4.04
CA PRO A 41 -26.50 8.68 -3.23
C PRO A 41 -25.32 9.13 -2.38
N ALA A 42 -25.09 8.44 -1.27
CA ALA A 42 -23.85 8.57 -0.51
C ALA A 42 -23.54 7.22 0.09
N VAL A 43 -22.28 6.83 0.07
CA VAL A 43 -21.86 5.54 0.63
C VAL A 43 -20.56 5.63 1.44
N VAL A 44 -20.55 4.94 2.58
CA VAL A 44 -19.35 4.83 3.40
C VAL A 44 -19.19 3.41 3.94
N ARG A 45 -17.94 2.98 4.07
CA ARG A 45 -17.62 1.76 4.79
C ARG A 45 -17.23 2.19 6.20
N THR A 46 -17.81 1.53 7.20
CA THR A 46 -17.52 1.88 8.57
C THR A 46 -16.23 1.17 9.02
N THR A 47 -15.76 1.45 10.23
CA THR A 47 -14.51 0.80 10.68
C THR A 47 -14.68 -0.70 10.92
N THR A 48 -15.93 -1.15 11.00
CA THR A 48 -16.21 -2.58 11.18
C THR A 48 -16.19 -3.35 9.85
N GLY A 49 -16.28 -2.63 8.74
CA GLY A 49 -16.45 -3.26 7.44
C GLY A 49 -17.88 -3.22 6.92
N ARG A 50 -18.83 -2.86 7.79
CA ARG A 50 -20.22 -2.68 7.34
C ARG A 50 -20.29 -1.55 6.32
N ILE A 51 -21.16 -1.68 5.35
CA ILE A 51 -21.36 -0.62 4.36
C ILE A 51 -22.72 0.04 4.60
N LEU A 52 -22.71 1.37 4.67
CA LEU A 52 -23.92 2.19 4.81
C LEU A 52 -24.13 2.98 3.51
N ALA A 53 -25.29 2.79 2.89
CA ALA A 53 -25.67 3.48 1.66
C ALA A 53 -26.88 4.39 1.93
N PHE A 54 -26.76 5.67 1.63
CA PHE A 54 -27.80 6.68 1.89
C PHE A 54 -28.35 7.20 0.57
N ALA A 55 -29.57 7.70 0.60
CA ALA A 55 -30.18 8.34 -0.56
C ALA A 55 -31.30 9.25 -0.13
N GLU A 56 -31.72 10.11 -1.06
CA GLU A 56 -32.97 10.84 -0.91
C GLU A 56 -34.10 9.96 -1.43
N GLY A 57 -35.04 9.66 -0.55
CA GLY A 57 -36.28 8.98 -0.94
C GLY A 57 -37.25 10.08 -1.34
N ARG A 58 -37.48 10.22 -2.63
CA ARG A 58 -38.33 11.29 -3.14
C ARG A 58 -39.73 10.71 -3.32
N ARG A 59 -40.61 11.12 -2.41
CA ARG A 59 -41.87 10.42 -2.20
C ARG A 59 -42.75 10.35 -3.42
N HIS A 60 -42.99 11.51 -4.04
CA HIS A 60 -44.05 11.66 -5.02
C HIS A 60 -43.64 11.81 -6.47
N THR A 61 -42.48 12.44 -6.69
CA THR A 61 -41.96 12.71 -8.04
C THR A 61 -40.45 12.60 -7.96
N ASN A 62 -39.75 12.84 -9.06
CA ASN A 62 -38.29 12.88 -9.02
C ASN A 62 -37.70 14.25 -8.66
N GLN A 63 -38.54 15.22 -8.36
CA GLN A 63 -38.11 16.61 -8.12
C GLN A 63 -37.31 16.78 -6.82
N ASP A 64 -36.47 17.82 -6.80
CA ASP A 64 -35.52 18.13 -5.73
CA ASP A 64 -35.56 17.99 -5.66
C ASP A 64 -36.19 18.76 -4.49
N PHE A 65 -37.44 19.16 -4.66
CA PHE A 65 -38.22 19.84 -3.63
C PHE A 65 -39.44 18.99 -3.28
N GLY A 66 -40.19 19.44 -2.27
CA GLY A 66 -41.34 18.67 -1.79
C GLY A 66 -40.92 17.66 -0.73
N ASP A 67 -41.79 16.69 -0.47
CA ASP A 67 -41.56 15.70 0.57
C ASP A 67 -40.50 14.67 0.17
N ILE A 68 -39.33 14.83 0.79
CA ILE A 68 -38.19 13.98 0.51
C ILE A 68 -37.64 13.54 1.85
N ASN A 69 -37.44 12.24 2.01
CA ASN A 69 -36.90 11.67 3.25
C ASN A 69 -35.50 11.15 3.02
N LEU A 70 -34.69 11.17 4.08
CA LEU A 70 -33.34 10.60 4.02
C LEU A 70 -33.40 9.13 4.42
N VAL A 71 -33.21 8.27 3.44
CA VAL A 71 -33.32 6.82 3.63
C VAL A 71 -31.96 6.16 3.54
N TYR A 72 -31.88 4.89 3.92
CA TYR A 72 -30.63 4.15 3.88
C TYR A 72 -30.77 2.65 3.92
N LYS A 73 -29.70 1.96 3.55
CA LYS A 73 -29.60 0.53 3.74
C LYS A 73 -28.23 0.22 4.32
N ARG A 74 -28.14 -0.80 5.17
CA ARG A 74 -26.84 -1.31 5.59
C ARG A 74 -26.63 -2.71 5.06
N THR A 75 -25.37 -3.11 4.89
CA THR A 75 -25.11 -4.53 4.72
C THR A 75 -25.51 -5.27 6.01
N LYS A 76 -26.00 -6.51 5.86
CA LYS A 76 -26.54 -7.25 7.00
C LYS A 76 -25.45 -7.60 8.01
N THR A 77 -24.25 -7.86 7.50
CA THR A 77 -23.13 -8.14 8.38
C THR A 77 -22.00 -7.19 8.11
N THR A 78 -20.98 -7.21 8.97
CA THR A 78 -19.79 -6.39 8.77
C THR A 78 -18.84 -6.99 7.74
N ALA A 79 -19.09 -8.23 7.33
CA ALA A 79 -18.12 -8.99 6.55
C ALA A 79 -18.57 -9.30 5.13
N ASN A 80 -19.84 -9.10 4.81
CA ASN A 80 -20.32 -9.52 3.49
C ASN A 80 -19.99 -8.58 2.33
N ASN A 81 -19.56 -7.36 2.64
CA ASN A 81 -19.11 -6.39 1.63
C ASN A 81 -20.18 -6.01 0.58
N GLY A 82 -21.43 -6.33 0.88
CA GLY A 82 -22.55 -6.01 -0.01
C GLY A 82 -22.45 -6.65 -1.37
N ALA A 83 -21.86 -7.84 -1.43
CA ALA A 83 -21.62 -8.49 -2.73
C ALA A 83 -22.85 -8.95 -3.50
N SER A 84 -23.91 -9.34 -2.80
CA SER A 84 -25.14 -9.80 -3.45
C SER A 84 -26.37 -9.05 -2.94
N PRO A 85 -27.48 -9.07 -3.69
CA PRO A 85 -28.68 -8.41 -3.15
C PRO A 85 -29.08 -8.88 -1.75
N SER A 86 -28.96 -10.18 -1.47
CA SER A 86 -29.37 -10.74 -0.18
C SER A 86 -28.42 -10.35 0.97
N ASP A 87 -27.32 -9.70 0.63
CA ASP A 87 -26.37 -9.20 1.63
C ASP A 87 -26.83 -7.89 2.30
N TRP A 88 -27.86 -7.27 1.73
CA TRP A 88 -28.29 -5.94 2.16
C TRP A 88 -29.60 -5.98 2.95
N GLU A 89 -29.65 -5.17 4.00
CA GLU A 89 -30.85 -5.06 4.82
C GLU A 89 -31.95 -4.35 4.02
N PRO A 90 -33.21 -4.44 4.49
CA PRO A 90 -34.26 -3.65 3.88
C PRO A 90 -34.10 -2.15 4.17
N LEU A 91 -34.76 -1.34 3.35
CA LEU A 91 -34.74 0.12 3.48
C LEU A 91 -35.14 0.60 4.87
N ARG A 92 -34.32 1.48 5.43
CA ARG A 92 -34.59 2.16 6.69
C ARG A 92 -34.59 3.68 6.48
N GLU A 93 -34.96 4.43 7.53
CA GLU A 93 -35.01 5.89 7.47
C GLU A 93 -34.11 6.54 8.52
N VAL A 94 -33.32 7.53 8.10
CA VAL A 94 -32.59 8.37 9.04
C VAL A 94 -33.52 9.44 9.59
N VAL A 95 -34.19 10.17 8.70
CA VAL A 95 -35.08 11.28 9.07
C VAL A 95 -36.06 11.55 7.93
N GLY A 96 -37.32 11.77 8.29
CA GLY A 96 -38.35 12.01 7.30
C GLY A 96 -39.43 12.93 7.81
N SER A 97 -39.14 13.60 8.93
CA SER A 97 -40.14 14.45 9.62
C SER A 97 -40.64 15.63 8.77
N GLY A 98 -41.96 15.76 8.68
CA GLY A 98 -42.57 16.85 7.92
C GLY A 98 -42.64 16.57 6.42
N ALA A 99 -43.20 17.52 5.68
CA ALA A 99 -43.38 17.37 4.23
C ALA A 99 -42.32 18.15 3.44
N GLY A 100 -41.27 18.60 4.14
CA GLY A 100 -40.16 19.31 3.54
C GLY A 100 -39.09 18.37 3.00
N THR A 101 -37.95 18.94 2.63
CA THR A 101 -36.86 18.20 2.00
C THR A 101 -35.75 17.90 2.99
N TRP A 102 -35.48 16.61 3.22
CA TRP A 102 -34.31 16.16 3.98
C TRP A 102 -33.42 15.51 2.94
N GLY A 103 -32.26 16.11 2.69
CA GLY A 103 -31.41 15.63 1.60
C GLY A 103 -29.92 15.91 1.72
N ASN A 104 -29.26 15.79 0.56
CA ASN A 104 -27.81 16.01 0.46
C ASN A 104 -26.98 15.16 1.44
N PRO A 105 -27.23 13.83 1.49
CA PRO A 105 -26.44 13.04 2.46
C PRO A 105 -24.95 13.19 2.24
N THR A 106 -24.23 13.55 3.31
CA THR A 106 -22.79 13.73 3.26
C THR A 106 -22.20 13.12 4.54
N PRO A 107 -22.01 11.78 4.53
CA PRO A 107 -21.43 11.07 5.66
C PRO A 107 -19.90 11.10 5.75
N VAL A 108 -19.40 10.96 6.97
CA VAL A 108 -18.00 10.70 7.22
C VAL A 108 -17.91 9.79 8.44
N VAL A 109 -17.09 8.75 8.34
CA VAL A 109 -16.86 7.82 9.45
C VAL A 109 -15.66 8.33 10.27
N ASP A 110 -15.87 8.53 11.56
CA ASP A 110 -14.78 8.99 12.43
C ASP A 110 -14.01 7.81 13.02
N ASP A 111 -12.88 8.11 13.70
CA ASP A 111 -11.92 7.09 14.17
CA ASP A 111 -11.95 7.06 14.12
C ASP A 111 -12.51 6.11 15.18
N ASP A 112 -13.50 6.57 15.94
CA ASP A 112 -14.14 5.76 16.98
C ASP A 112 -15.32 4.97 16.42
N ASN A 113 -15.50 5.08 15.10
CA ASN A 113 -16.65 4.56 14.35
C ASN A 113 -17.98 5.31 14.53
N THR A 114 -17.94 6.50 15.13
CA THR A 114 -19.11 7.36 15.04
C THR A 114 -19.27 7.72 13.55
N ILE A 115 -20.45 7.48 13.02
CA ILE A 115 -20.72 7.97 11.68
C ILE A 115 -21.48 9.30 11.75
N TYR A 116 -20.85 10.37 11.27
CA TYR A 116 -21.52 11.66 11.12
C TYR A 116 -22.19 11.76 9.77
N LEU A 117 -23.42 12.26 9.75
CA LEU A 117 -24.13 12.46 8.50
C LEU A 117 -24.62 13.91 8.48
N PHE A 118 -23.95 14.75 7.69
CA PHE A 118 -24.45 16.08 7.40
C PHE A 118 -25.54 16.04 6.34
N LEU A 119 -26.52 16.92 6.49
CA LEU A 119 -27.70 16.96 5.61
C LEU A 119 -28.12 18.38 5.35
N SER A 120 -28.79 18.61 4.22
CA SER A 120 -29.48 19.88 3.98
C SER A 120 -30.97 19.70 4.19
N TRP A 121 -31.64 20.78 4.55
CA TRP A 121 -33.08 20.79 4.70
C TRP A 121 -33.66 22.05 4.08
N ASN A 122 -34.83 21.94 3.47
CA ASN A 122 -35.68 23.12 3.20
C ASN A 122 -37.13 22.78 3.50
N GLY A 123 -37.93 23.84 3.68
CA GLY A 123 -39.35 23.70 4.02
C GLY A 123 -40.22 23.14 2.92
N ALA A 124 -41.39 22.64 3.30
CA ALA A 124 -42.34 22.00 2.38
C ALA A 124 -42.82 22.87 1.22
N THR A 125 -42.78 24.19 1.42
CA THR A 125 -43.37 25.13 0.47
C THR A 125 -42.32 25.98 -0.26
N TYR A 126 -41.05 25.57 -0.15
CA TYR A 126 -39.95 26.32 -0.76
C TYR A 126 -39.21 25.44 -1.75
N SER A 127 -38.71 26.06 -2.82
CA SER A 127 -37.88 25.35 -3.79
C SER A 127 -36.77 26.27 -4.25
N GLN A 128 -35.71 25.69 -4.82
CA GLN A 128 -34.58 26.47 -5.27
C GLN A 128 -34.97 27.62 -6.21
N ASN A 129 -35.82 27.33 -7.20
CA ASN A 129 -36.19 28.36 -8.17
C ASN A 129 -37.44 29.14 -7.79
N GLY A 130 -38.31 28.52 -6.98
CA GLY A 130 -39.62 29.09 -6.69
C GLY A 130 -40.58 28.84 -7.83
N LYS A 131 -41.87 29.03 -7.55
CA LYS A 131 -42.94 28.86 -8.53
C LYS A 131 -43.05 27.45 -9.13
N ASP A 132 -42.53 26.47 -8.40
CA ASP A 132 -42.71 25.07 -8.79
C ASP A 132 -44.00 24.55 -8.20
N VAL A 133 -44.69 23.68 -8.93
CA VAL A 133 -45.98 23.17 -8.47
C VAL A 133 -45.81 21.85 -7.72
N LEU A 134 -46.31 21.81 -6.48
CA LEU A 134 -46.33 20.60 -5.66
C LEU A 134 -47.48 19.70 -6.09
N PRO A 135 -47.47 18.42 -5.67
CA PRO A 135 -48.52 17.47 -6.05
C PRO A 135 -49.95 17.97 -5.81
N ASP A 136 -50.17 18.70 -4.72
CA ASP A 136 -51.50 19.21 -4.36
C ASP A 136 -51.87 20.56 -5.01
N GLY A 137 -51.02 21.04 -5.92
CA GLY A 137 -51.30 22.28 -6.62
C GLY A 137 -50.68 23.54 -6.04
N THR A 138 -50.20 23.46 -4.79
CA THR A 138 -49.48 24.56 -4.14
C THR A 138 -48.29 24.98 -4.98
N VAL A 139 -48.13 26.29 -5.14
CA VAL A 139 -47.00 26.87 -5.84
C VAL A 139 -45.93 27.23 -4.80
N THR A 140 -44.69 26.77 -5.01
CA THR A 140 -43.64 27.03 -4.04
C THR A 140 -43.16 28.47 -4.09
N LYS A 141 -42.62 28.92 -2.96
CA LYS A 141 -41.90 30.18 -2.86
C LYS A 141 -40.44 29.88 -3.15
N LYS A 142 -39.73 30.87 -3.69
CA LYS A 142 -38.29 30.73 -3.87
C LYS A 142 -37.56 30.69 -2.53
N ILE A 143 -36.62 29.75 -2.40
CA ILE A 143 -35.76 29.71 -1.23
C ILE A 143 -35.10 31.08 -1.02
N ASP A 144 -35.22 31.60 0.19
CA ASP A 144 -34.78 32.96 0.50
C ASP A 144 -33.95 32.99 1.78
N SER A 145 -33.64 34.18 2.27
CA SER A 145 -32.74 34.28 3.41
C SER A 145 -33.42 34.26 4.78
N THR A 146 -34.74 34.08 4.80
CA THR A 146 -35.47 34.00 6.07
C THR A 146 -35.19 32.66 6.73
N TRP A 147 -35.46 32.58 8.03
CA TRP A 147 -35.25 31.34 8.77
C TRP A 147 -36.12 30.20 8.24
N GLU A 148 -37.37 30.49 7.96
CA GLU A 148 -38.31 29.52 7.41
C GLU A 148 -38.01 29.12 5.97
N GLY A 149 -37.38 30.02 5.21
CA GLY A 149 -37.28 29.87 3.77
C GLY A 149 -35.89 29.57 3.23
N ARG A 150 -34.90 29.59 4.12
CA ARG A 150 -33.52 29.28 3.74
C ARG A 150 -33.25 27.80 3.78
N ARG A 151 -32.15 27.40 3.16
CA ARG A 151 -31.64 26.05 3.33
C ARG A 151 -30.88 25.92 4.66
N HIS A 152 -31.23 24.86 5.41
CA HIS A 152 -30.61 24.59 6.71
C HIS A 152 -29.57 23.47 6.59
N LEU A 153 -28.68 23.43 7.57
CA LEU A 153 -27.63 22.43 7.66
C LEU A 153 -27.84 21.68 8.94
N TYR A 154 -28.07 20.39 8.79
CA TYR A 154 -28.34 19.48 9.89
C TYR A 154 -27.26 18.44 10.08
N LEU A 155 -27.13 17.95 11.31
CA LEU A 155 -26.17 16.90 11.61
C LEU A 155 -26.82 15.82 12.47
N THR A 156 -26.71 14.59 12.01
CA THR A 156 -27.11 13.42 12.78
C THR A 156 -25.93 12.46 12.86
N GLU A 157 -25.91 11.61 13.88
CA GLU A 157 -24.84 10.64 14.01
C GLU A 157 -25.31 9.28 14.51
N SER A 158 -24.53 8.25 14.22
CA SER A 158 -24.82 6.91 14.67
C SER A 158 -23.64 6.42 15.49
N ARG A 159 -23.93 5.82 16.65
CA ARG A 159 -22.91 5.26 17.52
C ARG A 159 -22.94 3.72 17.46
N ASP A 160 -23.82 3.17 16.64
CA ASP A 160 -24.03 1.72 16.60
C ASP A 160 -23.93 1.15 15.18
N ASP A 161 -22.91 1.60 14.44
CA ASP A 161 -22.60 1.08 13.10
C ASP A 161 -23.79 1.30 12.14
N GLY A 162 -24.47 2.44 12.32
CA GLY A 162 -25.56 2.83 11.42
C GLY A 162 -26.92 2.27 11.79
N ASN A 163 -27.02 1.53 12.90
CA ASN A 163 -28.29 0.89 13.25
C ASN A 163 -29.36 1.92 13.65
N THR A 164 -28.95 2.92 14.43
CA THR A 164 -29.87 4.00 14.81
C THR A 164 -29.18 5.35 14.64
N TRP A 165 -30.00 6.40 14.52
CA TRP A 165 -29.52 7.75 14.26
C TRP A 165 -30.10 8.73 15.26
N SER A 166 -29.27 9.70 15.69
CA SER A 166 -29.74 10.77 16.57
C SER A 166 -30.73 11.69 15.85
N LYS A 167 -31.62 12.33 16.61
CA LYS A 167 -32.50 13.33 16.01
C LYS A 167 -31.59 14.42 15.43
N PRO A 168 -31.73 14.76 14.13
CA PRO A 168 -30.82 15.75 13.54
C PRO A 168 -30.85 17.08 14.28
N VAL A 169 -29.66 17.64 14.52
CA VAL A 169 -29.53 18.95 15.16
C VAL A 169 -29.25 20.00 14.08
N ASP A 170 -29.88 21.17 14.22
CA ASP A 170 -29.70 22.29 13.30
C ASP A 170 -28.44 23.09 13.62
N LEU A 171 -27.48 23.06 12.70
CA LEU A 171 -26.22 23.76 12.88
C LEU A 171 -26.07 24.94 11.93
N THR A 172 -27.19 25.33 11.31
CA THR A 172 -27.20 26.43 10.34
C THR A 172 -26.54 27.71 10.88
N LYS A 173 -26.92 28.12 12.08
CA LYS A 173 -26.36 29.37 12.61
C LYS A 173 -24.86 29.28 12.90
N GLU A 174 -24.38 28.07 13.18
CA GLU A 174 -22.97 27.83 13.47
C GLU A 174 -22.14 27.67 12.20
N LEU A 175 -22.67 26.95 11.23
CA LEU A 175 -21.83 26.46 10.12
C LEU A 175 -22.28 26.90 8.72
N THR A 176 -23.28 27.76 8.66
CA THR A 176 -23.70 28.37 7.41
C THR A 176 -23.56 29.87 7.58
N PRO A 177 -22.94 30.55 6.59
CA PRO A 177 -22.75 32.00 6.77
C PRO A 177 -24.09 32.72 6.84
N ASP A 178 -24.13 33.84 7.58
CA ASP A 178 -25.38 34.60 7.74
C ASP A 178 -25.82 35.22 6.42
N GLY A 179 -27.12 35.37 6.23
CA GLY A 179 -27.66 35.97 5.01
C GLY A 179 -27.79 35.03 3.81
N TRP A 180 -27.34 33.79 3.97
CA TRP A 180 -27.47 32.81 2.91
C TRP A 180 -28.92 32.35 2.74
N ALA A 181 -29.26 32.01 1.51
CA ALA A 181 -30.55 31.45 1.16
C ALA A 181 -30.31 29.99 0.76
N TRP A 182 -29.99 29.76 -0.51
CA TRP A 182 -29.59 28.43 -0.95
C TRP A 182 -28.32 27.99 -0.22
N ASP A 183 -28.24 26.69 0.02
CA ASP A 183 -27.04 26.06 0.57
C ASP A 183 -27.04 24.60 0.17
N ALA A 184 -25.87 23.99 0.27
CA ALA A 184 -25.74 22.55 0.04
C ALA A 184 -24.54 22.04 0.79
N VAL A 185 -24.67 20.84 1.36
CA VAL A 185 -23.54 20.08 1.86
C VAL A 185 -23.34 18.89 0.92
N GLY A 186 -22.08 18.59 0.58
CA GLY A 186 -21.79 17.57 -0.43
C GLY A 186 -22.63 17.79 -1.68
N PRO A 187 -23.41 16.77 -2.11
CA PRO A 187 -23.61 15.47 -1.46
C PRO A 187 -22.51 14.47 -1.82
N GLY A 188 -22.31 13.48 -0.97
CA GLY A 188 -21.37 12.40 -1.25
C GLY A 188 -20.69 11.90 -0.01
N ASN A 189 -19.60 12.55 0.38
CA ASN A 189 -18.86 12.15 1.58
C ASN A 189 -17.89 13.21 2.04
N GLY A 190 -17.62 13.17 3.35
CA GLY A 190 -16.47 13.84 3.94
C GLY A 190 -15.33 12.87 4.14
N ILE A 191 -14.23 13.36 4.69
CA ILE A 191 -13.03 12.54 4.86
C ILE A 191 -12.37 12.76 6.21
N ARG A 192 -11.53 11.80 6.60
CA ARG A 192 -10.68 11.94 7.78
C ARG A 192 -9.24 12.06 7.29
N LEU A 193 -8.51 13.06 7.76
CA LEU A 193 -7.17 13.35 7.27
C LEU A 193 -6.13 12.53 8.01
N THR A 194 -4.97 12.36 7.37
CA THR A 194 -3.85 11.65 7.99
C THR A 194 -3.54 12.31 9.33
N THR A 195 -3.67 13.63 9.39
CA THR A 195 -3.34 14.41 10.59
C THR A 195 -4.47 14.42 11.63
N GLY A 196 -5.63 13.89 11.26
CA GLY A 196 -6.68 13.56 12.21
C GLY A 196 -7.98 14.34 12.14
N GLU A 197 -7.98 15.44 11.38
CA GLU A 197 -9.18 16.26 11.28
C GLU A 197 -10.17 15.65 10.31
N LEU A 198 -11.45 16.00 10.48
CA LEU A 198 -12.49 15.72 9.49
C LEU A 198 -12.70 16.91 8.55
N VAL A 199 -12.90 16.63 7.28
CA VAL A 199 -13.23 17.67 6.31
C VAL A 199 -14.47 17.28 5.52
N ILE A 200 -15.48 18.14 5.55
CA ILE A 200 -16.75 17.90 4.89
C ILE A 200 -16.94 18.99 3.83
N PRO A 201 -17.09 18.59 2.56
CA PRO A 201 -17.25 19.61 1.52
C PRO A 201 -18.66 20.15 1.52
N ALA A 202 -18.77 21.46 1.36
CA ALA A 202 -20.07 22.14 1.29
C ALA A 202 -19.99 23.30 0.30
N MET A 203 -21.14 23.93 0.07
CA MET A 203 -21.21 25.07 -0.85
C MET A 203 -20.32 26.19 -0.34
N GLY A 204 -19.35 26.61 -1.15
CA GLY A 204 -18.51 27.76 -0.81
C GLY A 204 -17.56 27.61 0.37
N ARG A 205 -17.43 26.40 0.89
CA ARG A 205 -16.73 26.22 2.15
C ARG A 205 -16.47 24.75 2.44
N ASN A 206 -15.46 24.50 3.28
CA ASN A 206 -15.32 23.20 3.95
C ASN A 206 -15.76 23.33 5.39
N ILE A 207 -16.38 22.28 5.91
CA ILE A 207 -16.64 22.17 7.34
C ILE A 207 -15.56 21.30 7.93
N ILE A 208 -14.88 21.84 8.94
CA ILE A 208 -13.74 21.15 9.54
C ILE A 208 -14.12 20.65 10.91
N GLY A 209 -13.84 19.38 11.16
CA GLY A 209 -14.07 18.78 12.46
C GLY A 209 -12.75 18.57 13.16
N ARG A 210 -12.65 19.09 14.39
CA ARG A 210 -11.42 18.93 15.16
C ARG A 210 -11.72 18.35 16.53
N GLY A 211 -10.69 17.81 17.17
CA GLY A 211 -10.82 17.23 18.50
C GLY A 211 -11.03 15.73 18.54
N ALA A 212 -11.62 15.27 19.64
CA ALA A 212 -11.82 13.85 19.90
C ALA A 212 -12.80 13.22 18.89
N PRO A 213 -12.43 12.05 18.32
CA PRO A 213 -13.32 11.33 17.40
C PRO A 213 -14.74 11.13 17.95
N GLY A 214 -15.74 11.51 17.16
CA GLY A 214 -17.14 11.36 17.56
C GLY A 214 -17.59 12.38 18.57
N ASN A 215 -16.69 13.30 18.92
CA ASN A 215 -16.96 14.39 19.84
C ASN A 215 -16.31 15.66 19.29
N ARG A 216 -16.43 15.85 17.98
CA ARG A 216 -15.70 16.92 17.31
C ARG A 216 -16.32 18.28 17.50
N THR A 217 -15.46 19.29 17.44
CA THR A 217 -15.84 20.70 17.35
CA THR A 217 -15.93 20.66 17.33
C THR A 217 -15.80 21.08 15.87
N TRP A 218 -16.82 21.79 15.39
CA TRP A 218 -16.91 22.14 13.99
C TRP A 218 -16.59 23.59 13.76
N SER A 219 -15.90 23.87 12.65
CA SER A 219 -15.71 25.24 12.20
C SER A 219 -15.83 25.31 10.68
N VAL A 220 -15.82 26.53 10.16
CA VAL A 220 -15.99 26.75 8.72
C VAL A 220 -14.71 27.30 8.10
N GLN A 221 -14.26 26.65 7.03
CA GLN A 221 -13.16 27.14 6.22
C GLN A 221 -13.78 27.69 4.94
N ARG A 222 -13.82 29.01 4.84
CA ARG A 222 -14.42 29.63 3.65
C ARG A 222 -13.52 29.48 2.45
N LEU A 223 -14.12 29.25 1.28
CA LEU A 223 -13.36 29.04 0.05
C LEU A 223 -13.79 30.01 -1.03
N SER A 224 -12.82 30.74 -1.58
CA SER A 224 -13.13 31.67 -2.65
C SER A 224 -13.21 30.93 -3.98
N GLY A 225 -14.35 31.02 -4.65
CA GLY A 225 -14.52 30.46 -5.98
C GLY A 225 -15.00 29.01 -6.01
N ALA A 226 -15.30 28.45 -4.84
CA ALA A 226 -15.79 27.06 -4.77
C ALA A 226 -17.17 26.92 -5.34
N GLY A 227 -17.54 25.70 -5.71
CA GLY A 227 -18.87 25.43 -6.20
C GLY A 227 -19.88 25.18 -5.10
N ALA A 228 -21.12 24.94 -5.52
CA ALA A 228 -22.19 24.60 -4.60
C ALA A 228 -22.08 23.14 -4.19
N GLU A 229 -21.72 22.27 -5.14
CA GLU A 229 -21.61 20.83 -4.89
C GLU A 229 -20.17 20.41 -5.01
N GLY A 230 -19.53 20.28 -3.86
CA GLY A 230 -18.10 20.04 -3.78
C GLY A 230 -17.77 18.61 -3.43
N THR A 231 -16.57 18.18 -3.84
CA THR A 231 -15.94 16.95 -3.34
C THR A 231 -14.58 17.29 -2.77
N ILE A 232 -14.12 16.47 -1.83
CA ILE A 232 -12.84 16.68 -1.16
C ILE A 232 -12.09 15.37 -1.08
N VAL A 233 -10.77 15.46 -1.28
CA VAL A 233 -9.91 14.31 -1.03
C VAL A 233 -8.60 14.82 -0.49
N GLN A 234 -7.91 13.97 0.27
CA GLN A 234 -6.53 14.24 0.61
C GLN A 234 -5.66 13.50 -0.40
N THR A 235 -4.85 14.26 -1.13
CA THR A 235 -4.03 13.69 -2.18
C THR A 235 -2.81 13.00 -1.55
N PRO A 236 -2.07 12.18 -2.32
CA PRO A 236 -0.94 11.44 -1.75
C PRO A 236 0.11 12.33 -1.07
N ASP A 237 0.26 13.56 -1.55
CA ASP A 237 1.18 14.55 -0.95
C ASP A 237 0.70 15.06 0.43
N GLY A 238 -0.51 14.67 0.82
CA GLY A 238 -1.07 15.06 2.10
C GLY A 238 -1.86 16.35 2.08
N LYS A 239 -1.82 17.07 0.96
CA LYS A 239 -2.60 18.29 0.78
C LYS A 239 -4.05 17.98 0.51
N LEU A 240 -4.88 19.03 0.57
CA LEU A 240 -6.31 18.92 0.26
C LEU A 240 -6.61 19.28 -1.17
N TYR A 241 -7.69 18.71 -1.68
CA TYR A 241 -8.06 18.82 -3.08
C TYR A 241 -9.59 18.91 -3.14
N ARG A 242 -10.10 20.05 -3.61
CA ARG A 242 -11.52 20.21 -3.91
C ARG A 242 -11.73 20.01 -5.40
N ASN A 243 -12.72 19.21 -5.75
CA ASN A 243 -13.11 18.97 -7.13
C ASN A 243 -14.63 19.14 -7.22
N ASP A 244 -15.04 20.28 -7.77
CA ASP A 244 -16.41 20.74 -7.64
C ASP A 244 -17.14 20.73 -8.96
N ARG A 245 -18.45 20.55 -8.88
CA ARG A 245 -19.36 20.70 -10.01
C ARG A 245 -19.32 22.15 -10.50
N PRO A 246 -19.15 22.36 -11.82
CA PRO A 246 -19.15 23.73 -12.33
C PRO A 246 -20.57 24.33 -12.38
N SER A 247 -20.64 25.66 -12.33
CA SER A 247 -21.95 26.33 -12.47
C SER A 247 -22.51 26.19 -13.88
N GLN A 248 -21.64 26.04 -14.87
CA GLN A 248 -22.08 25.82 -16.25
C GLN A 248 -21.38 24.59 -16.81
N LYS A 249 -22.05 23.89 -17.73
CA LYS A 249 -21.48 22.71 -18.37
C LYS A 249 -20.08 22.98 -18.90
N GLY A 250 -19.18 22.01 -18.75
CA GLY A 250 -17.83 22.11 -19.29
C GLY A 250 -16.87 21.14 -18.63
N TYR A 251 -16.34 21.54 -17.48
CA TYR A 251 -15.27 20.83 -16.77
C TYR A 251 -15.40 20.94 -15.27
N ARG A 252 -14.88 19.93 -14.56
CA ARG A 252 -14.75 20.02 -13.10
C ARG A 252 -13.90 21.22 -12.71
N MET A 253 -14.21 21.81 -11.57
CA MET A 253 -13.46 22.95 -11.04
C MET A 253 -12.63 22.50 -9.86
N VAL A 254 -11.31 22.69 -9.96
CA VAL A 254 -10.36 22.12 -9.01
C VAL A 254 -9.57 23.20 -8.29
N ALA A 255 -9.41 23.03 -6.98
CA ALA A 255 -8.50 23.83 -6.18
C ALA A 255 -7.76 22.94 -5.20
N ARG A 256 -6.57 23.38 -4.82
CA ARG A 256 -5.77 22.65 -3.84
C ARG A 256 -5.40 23.56 -2.68
N GLY A 257 -5.18 22.95 -1.53
CA GLY A 257 -4.84 23.71 -0.34
C GLY A 257 -4.51 22.85 0.85
N THR A 258 -4.65 23.47 2.01
CA THR A 258 -4.48 22.81 3.30
C THR A 258 -5.55 23.40 4.22
N LEU A 259 -5.50 23.04 5.50
CA LEU A 259 -6.41 23.61 6.49
C LEU A 259 -6.11 25.09 6.76
N GLU A 260 -4.94 25.53 6.32
CA GLU A 260 -4.55 26.95 6.44
C GLU A 260 -4.98 27.80 5.25
N GLY A 261 -5.48 27.15 4.20
CA GLY A 261 -6.06 27.88 3.06
C GLY A 261 -5.91 27.21 1.72
N PHE A 262 -6.76 27.62 0.77
CA PHE A 262 -6.76 27.10 -0.60
C PHE A 262 -6.34 28.13 -1.64
N GLY A 263 -5.78 27.66 -2.74
CA GLY A 263 -5.57 28.49 -3.92
C GLY A 263 -6.84 28.63 -4.75
N ALA A 264 -6.69 29.25 -5.91
CA ALA A 264 -7.78 29.50 -6.83
C ALA A 264 -8.39 28.21 -7.40
N PHE A 265 -9.68 28.26 -7.65
CA PHE A 265 -10.35 27.24 -8.44
C PHE A 265 -10.12 27.51 -9.91
N ALA A 266 -9.95 26.45 -10.68
CA ALA A 266 -9.74 26.57 -12.13
C ALA A 266 -10.27 25.32 -12.81
N PRO A 267 -10.75 25.45 -14.07
CA PRO A 267 -11.28 24.28 -14.76
C PRO A 267 -10.19 23.24 -15.03
N ASP A 268 -10.54 21.98 -14.84
CA ASP A 268 -9.65 20.87 -15.14
C ASP A 268 -10.00 20.33 -16.53
N ALA A 269 -9.16 20.67 -17.51
CA ALA A 269 -9.45 20.30 -18.89
C ALA A 269 -9.47 18.78 -19.10
N GLY A 270 -8.82 18.04 -18.21
CA GLY A 270 -8.82 16.57 -18.25
C GLY A 270 -10.08 15.90 -17.75
N LEU A 271 -10.97 16.67 -17.13
CA LEU A 271 -12.19 16.11 -16.55
C LEU A 271 -13.45 16.84 -17.00
N PRO A 272 -13.94 16.52 -18.20
CA PRO A 272 -15.18 17.12 -18.70
C PRO A 272 -16.36 16.75 -17.78
N ASP A 273 -17.34 17.64 -17.66
CA ASP A 273 -18.45 17.44 -16.77
C ASP A 273 -19.63 18.20 -17.34
N PRO A 274 -20.85 17.64 -17.24
CA PRO A 274 -22.01 18.27 -17.84
C PRO A 274 -22.80 19.15 -16.85
N ALA A 275 -22.11 19.68 -15.84
CA ALA A 275 -22.74 20.32 -14.68
C ALA A 275 -23.58 19.28 -13.91
N CYS A 276 -22.86 18.39 -13.24
CA CYS A 276 -23.49 17.33 -12.45
C CYS A 276 -22.55 17.04 -11.29
N GLN A 277 -23.07 16.45 -10.22
CA GLN A 277 -22.23 16.03 -9.10
C GLN A 277 -21.26 14.91 -9.53
N GLY A 278 -20.14 14.83 -8.81
CA GLY A 278 -19.17 13.76 -8.98
C GLY A 278 -18.73 13.24 -7.63
N SER A 279 -17.83 12.28 -7.65
CA SER A 279 -17.28 11.71 -6.44
C SER A 279 -15.78 11.43 -6.61
N VAL A 280 -15.06 11.50 -5.49
CA VAL A 280 -13.63 11.30 -5.45
C VAL A 280 -13.30 10.44 -4.21
N LEU A 281 -12.21 9.67 -4.28
CA LEU A 281 -11.86 8.70 -3.25
C LEU A 281 -10.36 8.48 -3.15
N ARG A 282 -9.84 8.58 -1.93
CA ARG A 282 -8.47 8.20 -1.62
C ARG A 282 -8.46 6.68 -1.50
N TYR A 283 -7.70 6.04 -2.38
CA TYR A 283 -7.70 4.58 -2.38
C TYR A 283 -6.60 4.02 -1.48
N ASN A 284 -5.40 4.57 -1.63
CA ASN A 284 -4.21 4.15 -0.88
C ASN A 284 -3.12 5.21 -1.08
N SER A 285 -2.17 5.27 -0.14
CA SER A 285 -1.13 6.31 -0.11
C SER A 285 0.26 5.76 -0.45
N ASP A 286 0.37 4.44 -0.47
CA ASP A 286 1.63 3.74 -0.68
C ASP A 286 1.76 3.29 -2.14
N ALA A 287 3.00 3.20 -2.64
CA ALA A 287 3.28 3.04 -4.08
C ALA A 287 2.58 1.86 -4.78
N PRO A 288 1.91 2.12 -5.92
CA PRO A 288 1.59 3.48 -6.39
C PRO A 288 0.40 4.00 -5.60
N ALA A 289 0.50 5.22 -5.08
CA ALA A 289 -0.62 5.86 -4.42
C ALA A 289 -1.68 6.18 -5.47
N ARG A 290 -2.96 6.04 -5.10
CA ARG A 290 -4.05 6.22 -6.07
C ARG A 290 -5.20 7.06 -5.52
N THR A 291 -5.69 7.95 -6.36
CA THR A 291 -6.90 8.71 -6.11
C THR A 291 -7.87 8.27 -7.21
N ILE A 292 -9.08 7.95 -6.80
CA ILE A 292 -10.13 7.55 -7.73
C ILE A 292 -11.12 8.69 -7.94
N PHE A 293 -11.60 8.85 -9.18
CA PHE A 293 -12.59 9.87 -9.53
C PHE A 293 -13.69 9.26 -10.38
N LEU A 294 -14.92 9.69 -10.15
CA LEU A 294 -16.09 9.21 -10.88
C LEU A 294 -17.00 10.37 -11.20
N ASN A 295 -17.37 10.50 -12.47
CA ASN A 295 -18.36 11.48 -12.89
C ASN A 295 -18.88 11.07 -14.25
N SER A 296 -19.78 11.87 -14.84
CA SER A 296 -20.12 11.67 -16.25
C SER A 296 -19.11 12.43 -17.12
N ALA A 297 -18.31 11.68 -17.87
CA ALA A 297 -17.15 12.23 -18.59
C ALA A 297 -17.57 12.84 -19.93
N SER A 298 -18.36 13.90 -19.83
CA SER A 298 -18.99 14.52 -20.98
C SER A 298 -19.30 15.96 -20.65
N GLY A 299 -19.16 16.82 -21.64
CA GLY A 299 -19.53 18.23 -21.48
C GLY A 299 -21.02 18.49 -21.57
N THR A 300 -21.80 17.49 -22.00
CA THR A 300 -23.25 17.66 -22.25
C THR A 300 -24.16 16.60 -21.62
N SER A 301 -23.66 15.36 -21.50
CA SER A 301 -24.49 14.23 -21.10
C SER A 301 -24.15 13.67 -19.72
N ARG A 302 -25.17 13.28 -18.98
CA ARG A 302 -24.99 12.57 -17.71
C ARG A 302 -24.82 11.06 -17.87
N ARG A 303 -24.92 10.56 -19.11
CA ARG A 303 -24.92 9.12 -19.39
C ARG A 303 -23.54 8.62 -19.88
N ALA A 304 -22.48 9.23 -19.36
CA ALA A 304 -21.12 8.89 -19.74
C ALA A 304 -20.28 8.56 -18.51
N MET A 305 -20.86 7.84 -17.55
CA MET A 305 -20.17 7.55 -16.30
C MET A 305 -18.83 6.88 -16.54
N ARG A 306 -17.80 7.42 -15.89
CA ARG A 306 -16.44 6.97 -16.11
C ARG A 306 -15.70 7.02 -14.78
N VAL A 307 -15.14 5.87 -14.40
CA VAL A 307 -14.28 5.82 -13.20
C VAL A 307 -12.80 5.91 -13.62
N ARG A 308 -12.02 6.73 -12.92
CA ARG A 308 -10.64 6.99 -13.28
C ARG A 308 -9.69 6.90 -12.10
N ILE A 309 -8.40 6.72 -12.40
CA ILE A 309 -7.34 6.67 -11.40
C ILE A 309 -6.31 7.75 -11.70
N SER A 310 -5.87 8.46 -10.66
CA SER A 310 -4.68 9.34 -10.76
C SER A 310 -3.59 8.77 -9.87
N TYR A 311 -2.37 8.76 -10.40
CA TYR A 311 -1.20 8.31 -9.65
C TYR A 311 -0.37 9.50 -9.19
N ASP A 312 -0.83 10.70 -9.55
CA ASP A 312 -0.12 11.95 -9.24
C ASP A 312 -0.25 12.33 -7.78
N ALA A 313 0.84 12.86 -7.21
CA ALA A 313 0.88 13.21 -5.78
C ALA A 313 -0.11 14.33 -5.44
N ASP A 314 -0.48 15.10 -6.46
CA ASP A 314 -1.44 16.19 -6.35
C ASP A 314 -2.71 15.94 -7.17
N ALA A 315 -2.86 14.70 -7.65
CA ALA A 315 -3.98 14.33 -8.54
C ALA A 315 -4.12 15.27 -9.74
N LYS A 316 -3.00 15.73 -10.28
CA LYS A 316 -3.03 16.62 -11.45
C LYS A 316 -3.76 16.00 -12.64
N LYS A 317 -3.40 14.76 -12.96
CA LYS A 317 -3.93 14.08 -14.12
C LYS A 317 -4.48 12.70 -13.78
N PHE A 318 -5.67 12.43 -14.32
CA PHE A 318 -6.28 11.11 -14.24
C PHE A 318 -6.17 10.39 -15.57
N ASN A 319 -6.17 9.06 -15.52
CA ASN A 319 -6.18 8.27 -16.72
C ASN A 319 -7.55 8.30 -17.40
N TYR A 320 -7.67 7.66 -18.55
CA TYR A 320 -8.94 7.54 -19.23
C TYR A 320 -9.92 6.80 -18.32
N GLY A 321 -9.44 5.74 -17.68
CA GLY A 321 -10.26 4.93 -16.79
C GLY A 321 -11.15 3.96 -17.54
N ARG A 322 -12.34 3.71 -17.02
CA ARG A 322 -13.27 2.79 -17.66
C ARG A 322 -14.71 3.29 -17.60
N LYS A 323 -15.42 3.15 -18.71
CA LYS A 323 -16.83 3.45 -18.78
C LYS A 323 -17.61 2.43 -17.94
N LEU A 324 -18.48 2.90 -17.05
CA LEU A 324 -19.33 1.96 -16.31
C LEU A 324 -20.24 1.12 -17.21
N GLU A 325 -20.51 1.63 -18.40
N GLU A 325 -20.52 1.65 -18.40
CA GLU A 325 -21.36 0.92 -19.35
CA GLU A 325 -21.34 0.96 -19.40
C GLU A 325 -20.68 -0.32 -19.94
C GLU A 325 -20.72 -0.40 -19.78
N ASP A 326 -19.40 -0.53 -19.61
CA ASP A 326 -18.69 -1.79 -19.89
C ASP A 326 -19.22 -2.96 -19.04
N ALA A 327 -19.81 -2.61 -17.89
CA ALA A 327 -20.49 -3.57 -17.02
C ALA A 327 -21.92 -3.08 -16.77
N LYS A 328 -22.70 -3.04 -17.84
CA LYS A 328 -24.06 -2.49 -17.83
C LYS A 328 -24.99 -3.25 -16.92
N VAL A 329 -25.88 -2.50 -16.27
CA VAL A 329 -27.01 -3.09 -15.55
C VAL A 329 -28.25 -3.03 -16.44
N SER A 330 -29.02 -4.10 -16.44
CA SER A 330 -30.27 -4.16 -17.19
C SER A 330 -31.48 -4.10 -16.27
N GLY A 331 -32.53 -3.42 -16.74
CA GLY A 331 -33.81 -3.35 -16.02
C GLY A 331 -33.89 -2.33 -14.91
N ALA A 332 -32.95 -1.40 -14.90
CA ALA A 332 -32.91 -0.34 -13.90
C ALA A 332 -32.78 1.04 -14.54
N GLY A 333 -33.15 1.14 -15.80
CA GLY A 333 -33.09 2.40 -16.53
C GLY A 333 -31.70 2.73 -17.05
N HIS A 334 -31.52 4.00 -17.40
CA HIS A 334 -30.31 4.48 -18.03
C HIS A 334 -29.40 5.04 -16.97
N GLU A 335 -28.28 4.37 -16.74
CA GLU A 335 -27.32 4.80 -15.73
C GLU A 335 -26.68 6.13 -16.07
N GLY A 336 -26.59 6.99 -15.06
CA GLY A 336 -25.89 8.25 -15.21
C GLY A 336 -26.46 9.31 -14.31
N GLY A 337 -25.57 9.98 -13.60
CA GLY A 337 -25.92 11.13 -12.77
C GLY A 337 -24.99 11.19 -11.57
N TYR A 338 -25.55 11.55 -10.42
CA TYR A 338 -24.80 11.66 -9.17
C TYR A 338 -24.22 10.30 -8.75
N SER A 339 -23.10 10.32 -8.02
CA SER A 339 -22.47 9.08 -7.60
C SER A 339 -21.77 9.24 -6.26
N SER A 340 -21.38 8.11 -5.69
CA SER A 340 -20.62 8.12 -4.44
C SER A 340 -19.76 6.87 -4.40
N MET A 341 -18.56 6.98 -3.83
CA MET A 341 -17.66 5.84 -3.77
C MET A 341 -17.07 5.64 -2.39
N THR A 342 -16.82 4.38 -2.08
CA THR A 342 -16.08 3.99 -0.89
C THR A 342 -15.15 2.82 -1.22
N LYS A 343 -14.19 2.55 -0.34
CA LYS A 343 -13.41 1.32 -0.41
CA LYS A 343 -13.42 1.32 -0.40
C LYS A 343 -14.16 0.28 0.41
N THR A 344 -14.27 -0.94 -0.11
CA THR A 344 -14.92 -2.02 0.63
C THR A 344 -13.88 -2.72 1.50
N GLY A 345 -14.35 -3.61 2.37
CA GLY A 345 -13.47 -4.40 3.22
C GLY A 345 -12.74 -5.50 2.48
N ASP A 346 -13.13 -5.75 1.23
CA ASP A 346 -12.51 -6.79 0.43
C ASP A 346 -11.81 -6.23 -0.79
N TYR A 347 -11.17 -5.08 -0.57
CA TYR A 347 -10.21 -4.52 -1.55
C TYR A 347 -10.86 -4.21 -2.89
N LYS A 348 -12.08 -3.68 -2.83
CA LYS A 348 -12.78 -3.23 -4.02
C LYS A 348 -13.17 -1.79 -3.83
N ILE A 349 -13.55 -1.16 -4.92
CA ILE A 349 -14.24 0.12 -4.88
C ILE A 349 -15.74 -0.18 -4.93
N GLY A 350 -16.46 0.41 -3.99
CA GLY A 350 -17.92 0.30 -3.96
C GLY A 350 -18.49 1.63 -4.42
N ALA A 351 -19.38 1.60 -5.40
CA ALA A 351 -19.95 2.82 -5.96
C ALA A 351 -21.46 2.78 -6.04
N LEU A 352 -22.09 3.89 -5.66
CA LEU A 352 -23.50 4.10 -5.91
C LEU A 352 -23.65 5.05 -7.08
N VAL A 353 -24.55 4.74 -8.02
CA VAL A 353 -24.71 5.56 -9.23
C VAL A 353 -26.19 5.68 -9.57
N GLU A 354 -26.63 6.92 -9.78
CA GLU A 354 -28.01 7.15 -10.20
C GLU A 354 -28.29 6.54 -11.55
N SER A 355 -29.55 6.16 -11.74
CA SER A 355 -30.05 5.64 -13.01
C SER A 355 -31.47 6.20 -13.20
N ASP A 356 -31.86 6.41 -14.46
CA ASP A 356 -33.08 7.12 -14.82
C ASP A 356 -33.81 6.33 -15.90
N PHE A 357 -35.01 5.87 -15.58
CA PHE A 357 -35.88 5.16 -16.54
C PHE A 357 -36.29 6.04 -17.73
N PHE A 358 -36.39 7.35 -17.49
CA PHE A 358 -36.63 8.36 -18.54
C PHE A 358 -38.00 8.20 -19.22
N ASN A 359 -38.92 7.55 -18.51
CA ASN A 359 -40.27 7.24 -19.03
C ASN A 359 -41.12 8.49 -19.25
N ASP A 360 -40.74 9.58 -18.60
CA ASP A 360 -41.39 10.89 -18.76
C ASP A 360 -40.36 11.91 -19.25
N GLY A 361 -39.33 11.41 -19.95
CA GLY A 361 -38.22 12.24 -20.39
C GLY A 361 -37.60 12.99 -19.24
N THR A 362 -37.40 14.29 -19.42
CA THR A 362 -36.86 15.16 -18.37
C THR A 362 -37.92 15.56 -17.35
N GLY A 363 -39.13 15.02 -17.50
CA GLY A 363 -40.26 15.39 -16.65
C GLY A 363 -40.28 14.77 -15.27
N LYS A 364 -41.12 15.32 -14.40
CA LYS A 364 -41.15 14.94 -12.97
C LYS A 364 -41.52 13.48 -12.70
N ASN A 365 -42.17 12.81 -13.65
CA ASN A 365 -42.60 11.42 -13.43
C ASN A 365 -41.60 10.33 -13.87
N SER A 366 -40.42 10.75 -14.30
CA SER A 366 -39.39 9.79 -14.67
C SER A 366 -38.79 9.13 -13.42
N TYR A 367 -38.98 7.82 -13.35
CA TYR A 367 -38.53 7.06 -12.19
C TYR A 367 -37.02 7.00 -12.11
N ARG A 368 -36.50 7.23 -10.91
CA ARG A 368 -35.07 7.20 -10.68
C ARG A 368 -34.69 6.13 -9.66
N ALA A 369 -33.70 5.33 -10.03
CA ALA A 369 -33.20 4.26 -9.18
C ALA A 369 -31.70 4.46 -8.93
N ILE A 370 -31.15 3.70 -7.99
CA ILE A 370 -29.73 3.79 -7.67
C ILE A 370 -29.06 2.42 -7.74
N ILE A 371 -28.00 2.35 -8.53
CA ILE A 371 -27.24 1.13 -8.77
CA ILE A 371 -27.25 1.12 -8.76
C ILE A 371 -26.08 1.05 -7.80
N TRP A 372 -25.82 -0.15 -7.29
CA TRP A 372 -24.65 -0.46 -6.48
C TRP A 372 -23.67 -1.25 -7.32
N ARG A 373 -22.41 -0.80 -7.29
CA ARG A 373 -21.35 -1.44 -8.06
C ARG A 373 -20.19 -1.77 -7.14
N ARG A 374 -19.58 -2.92 -7.38
CA ARG A 374 -18.31 -3.27 -6.80
C ARG A 374 -17.40 -3.61 -7.96
N PHE A 375 -16.17 -3.09 -7.94
CA PHE A 375 -15.18 -3.48 -8.95
C PHE A 375 -13.80 -3.30 -8.36
N ASN A 376 -12.83 -4.09 -8.84
CA ASN A 376 -11.47 -3.89 -8.37
C ASN A 376 -10.67 -2.99 -9.31
N LEU A 377 -9.46 -2.63 -8.89
CA LEU A 377 -8.59 -1.81 -9.72
C LEU A 377 -8.32 -2.49 -11.05
N SER A 378 -8.14 -3.81 -11.02
CA SER A 378 -7.88 -4.58 -12.24
C SER A 378 -8.98 -4.34 -13.28
N TRP A 379 -10.23 -4.27 -12.82
CA TRP A 379 -11.34 -4.05 -13.73
C TRP A 379 -11.21 -2.69 -14.42
N ILE A 380 -10.86 -1.64 -13.64
CA ILE A 380 -10.66 -0.33 -14.26
C ILE A 380 -9.49 -0.36 -15.25
N LEU A 381 -8.39 -0.99 -14.83
CA LEU A 381 -7.13 -0.93 -15.59
C LEU A 381 -7.15 -1.76 -16.87
N ASN A 382 -8.02 -2.76 -16.91
CA ASN A 382 -8.14 -3.64 -18.07
C ASN A 382 -9.22 -3.16 -19.04
N GLY A 383 -9.70 -1.94 -18.82
CA GLY A 383 -10.63 -1.29 -19.72
C GLY A 383 -10.03 -1.09 -21.11
N PRO A 384 -10.88 -1.14 -22.15
CA PRO A 384 -10.43 -1.16 -23.54
C PRO A 384 -10.01 0.21 -24.07
N ASN A 385 -10.29 1.26 -23.32
CA ASN A 385 -10.07 2.61 -23.81
C ASN A 385 -8.89 3.30 -23.15
N ASN A 386 -8.27 2.64 -22.16
CA ASN A 386 -6.96 3.04 -21.64
C ASN A 386 -5.89 2.90 -22.71
N ASP B 3 -6.20 -12.95 0.73
CA ASP B 3 -5.21 -11.99 0.17
C ASP B 3 -5.53 -11.72 -1.30
N PRO B 4 -5.82 -10.45 -1.65
CA PRO B 4 -6.20 -10.10 -3.02
C PRO B 4 -5.13 -10.44 -4.07
N ALA B 5 -3.87 -10.57 -3.65
CA ALA B 5 -2.78 -10.90 -4.55
C ALA B 5 -2.87 -12.32 -5.10
N LYS B 6 -3.66 -13.17 -4.44
CA LYS B 6 -3.81 -14.56 -4.85
C LYS B 6 -4.46 -14.75 -6.23
N SER B 7 -5.27 -13.80 -6.68
CA SER B 7 -5.99 -13.96 -7.95
C SER B 7 -5.15 -13.70 -9.20
N ALA B 8 -3.98 -13.10 -9.04
CA ALA B 8 -3.06 -12.98 -10.17
C ALA B 8 -2.56 -14.37 -10.59
N ALA B 9 -2.22 -14.54 -11.87
CA ALA B 9 -1.62 -15.78 -12.33
C ALA B 9 -0.31 -15.99 -11.59
N PRO B 10 -0.08 -17.19 -11.02
CA PRO B 10 1.20 -17.39 -10.30
C PRO B 10 2.36 -17.24 -11.26
N TYR B 11 3.43 -16.61 -10.76
CA TYR B 11 4.61 -16.35 -11.57
C TYR B 11 5.82 -16.79 -10.77
N HIS B 12 6.72 -17.52 -11.42
CA HIS B 12 8.04 -17.79 -10.86
C HIS B 12 9.07 -17.84 -11.98
N ASP B 13 10.30 -17.48 -11.65
CA ASP B 13 11.36 -17.33 -12.64
C ASP B 13 12.63 -17.58 -11.85
N GLU B 14 13.48 -18.48 -12.34
CA GLU B 14 14.67 -18.83 -11.57
C GLU B 14 15.79 -19.29 -12.46
N PHE B 15 17.02 -18.90 -12.10
CA PHE B 15 18.21 -19.34 -12.81
C PHE B 15 19.45 -19.02 -12.00
N PRO B 16 20.58 -19.70 -12.29
CA PRO B 16 21.81 -19.35 -11.60
C PRO B 16 22.29 -17.95 -12.00
N LEU B 17 22.60 -17.12 -11.01
CA LEU B 17 23.12 -15.78 -11.26
C LEU B 17 24.63 -15.67 -11.02
N PHE B 18 25.13 -16.41 -10.04
CA PHE B 18 26.57 -16.51 -9.82
C PHE B 18 26.99 -17.95 -10.05
N ARG B 19 27.72 -18.16 -11.14
CA ARG B 19 28.04 -19.49 -11.65
C ARG B 19 29.47 -19.84 -11.26
N SER B 20 29.58 -20.85 -10.40
CA SER B 20 30.84 -21.35 -9.88
C SER B 20 31.75 -21.96 -10.96
N ALA B 21 33.02 -22.17 -10.60
CA ALA B 21 34.08 -22.49 -11.56
C ALA B 21 33.86 -23.77 -12.34
N ASN B 22 33.05 -24.66 -11.78
CA ASN B 22 32.73 -25.96 -12.36
C ASN B 22 31.66 -25.90 -13.45
N MET B 23 30.92 -24.79 -13.48
CA MET B 23 29.77 -24.67 -14.36
C MET B 23 30.18 -24.23 -15.76
N ALA B 24 29.34 -24.55 -16.73
CA ALA B 24 29.50 -23.98 -18.07
C ALA B 24 29.37 -22.46 -17.95
N SER B 25 30.16 -21.73 -18.71
CA SER B 25 30.17 -20.26 -18.63
C SER B 25 30.26 -19.76 -17.18
N PRO B 26 31.35 -20.14 -16.48
CA PRO B 26 31.50 -19.69 -15.10
C PRO B 26 31.70 -18.18 -15.02
N ASP B 27 31.29 -17.57 -13.91
CA ASP B 27 31.44 -16.14 -13.77
C ASP B 27 32.86 -15.78 -13.42
N LYS B 28 33.43 -14.93 -14.25
CA LYS B 28 34.76 -14.36 -14.02
C LYS B 28 34.69 -12.87 -14.20
N LEU B 29 35.64 -12.16 -13.61
CA LEU B 29 35.81 -10.74 -13.84
C LEU B 29 36.36 -10.49 -15.23
N SER B 30 36.28 -9.25 -15.70
CA SER B 30 36.72 -8.92 -17.06
C SER B 30 38.21 -9.14 -17.21
N THR B 31 38.89 -9.18 -16.06
CA THR B 31 40.34 -9.43 -16.00
C THR B 31 40.67 -10.91 -16.15
N GLY B 32 39.63 -11.75 -16.18
CA GLY B 32 39.83 -13.19 -16.31
C GLY B 32 39.90 -13.93 -14.98
N ILE B 33 39.88 -13.18 -13.88
CA ILE B 33 39.90 -13.80 -12.55
C ILE B 33 38.56 -14.49 -12.26
N GLY B 34 38.65 -15.79 -11.99
CA GLY B 34 37.49 -16.62 -11.67
C GLY B 34 37.40 -16.93 -10.19
N PHE B 35 36.37 -17.67 -9.82
CA PHE B 35 36.10 -18.00 -8.41
C PHE B 35 35.59 -19.42 -8.33
N HIS B 36 36.21 -20.21 -7.44
CA HIS B 36 35.75 -21.54 -7.14
C HIS B 36 34.28 -21.48 -6.76
N SER B 37 33.94 -20.51 -5.92
CA SER B 37 32.61 -20.50 -5.28
C SER B 37 32.11 -19.09 -5.08
N PHE B 38 30.79 -18.93 -5.12
CA PHE B 38 30.14 -17.68 -4.74
C PHE B 38 29.23 -18.02 -3.59
N ARG B 39 29.38 -17.27 -2.51
CA ARG B 39 28.57 -17.46 -1.32
C ARG B 39 28.16 -16.10 -0.76
N ILE B 40 27.23 -16.12 0.20
CA ILE B 40 26.90 -14.95 1.02
C ILE B 40 26.23 -13.84 0.20
N PRO B 41 25.03 -14.11 -0.31
CA PRO B 41 24.35 -13.14 -1.19
C PRO B 41 23.76 -11.94 -0.46
N ALA B 42 23.64 -10.84 -1.19
CA ALA B 42 22.88 -9.69 -0.74
C ALA B 42 22.29 -9.05 -1.98
N VAL B 43 21.05 -8.57 -1.89
CA VAL B 43 20.40 -8.00 -3.07
C VAL B 43 19.56 -6.80 -2.69
N VAL B 44 19.63 -5.74 -3.51
CA VAL B 44 18.77 -4.57 -3.33
C VAL B 44 18.31 -4.02 -4.68
N ARG B 45 17.08 -3.54 -4.72
CA ARG B 45 16.57 -2.71 -5.81
C ARG B 45 16.87 -1.26 -5.43
N THR B 46 17.44 -0.52 -6.36
CA THR B 46 17.75 0.89 -6.11
C THR B 46 16.51 1.73 -6.40
N THR B 47 16.57 3.03 -6.12
CA THR B 47 15.42 3.89 -6.40
C THR B 47 15.11 4.02 -7.87
N THR B 48 16.04 3.63 -8.75
CA THR B 48 15.79 3.69 -10.20
C THR B 48 15.06 2.46 -10.71
N GLY B 49 15.09 1.38 -9.93
CA GLY B 49 14.55 0.09 -10.38
C GLY B 49 15.62 -0.90 -10.75
N ARG B 50 16.86 -0.44 -10.88
CA ARG B 50 18.01 -1.32 -11.13
C ARG B 50 18.15 -2.24 -9.93
N ILE B 51 18.59 -3.48 -10.19
CA ILE B 51 18.86 -4.41 -9.11
C ILE B 51 20.36 -4.65 -9.01
N LEU B 52 20.86 -4.62 -7.77
CA LEU B 52 22.27 -4.89 -7.47
C LEU B 52 22.35 -6.16 -6.64
N ALA B 53 23.10 -7.13 -7.14
CA ALA B 53 23.30 -8.42 -6.47
C ALA B 53 24.77 -8.55 -6.08
N PHE B 54 25.00 -8.79 -4.79
CA PHE B 54 26.36 -8.89 -4.26
C PHE B 54 26.64 -10.30 -3.77
N ALA B 55 27.92 -10.68 -3.79
CA ALA B 55 28.33 -11.95 -3.26
C ALA B 55 29.78 -11.93 -2.84
N GLU B 56 30.15 -12.90 -2.02
CA GLU B 56 31.55 -13.20 -1.79
C GLU B 56 32.06 -14.10 -2.91
N GLY B 57 33.04 -13.59 -3.65
CA GLY B 57 33.73 -14.43 -4.62
C GLY B 57 34.90 -15.12 -3.93
N ARG B 58 34.75 -16.41 -3.68
CA ARG B 58 35.73 -17.15 -2.89
C ARG B 58 36.67 -17.79 -3.92
N ARG B 59 37.87 -17.24 -4.00
CA ARG B 59 38.80 -17.55 -5.11
C ARG B 59 39.11 -19.04 -5.31
N HIS B 60 39.55 -19.71 -4.24
CA HIS B 60 40.20 -21.02 -4.41
C HIS B 60 39.46 -22.21 -3.82
N THR B 61 38.61 -21.95 -2.84
CA THR B 61 37.85 -22.99 -2.17
C THR B 61 36.55 -22.34 -1.74
N ASN B 62 35.69 -23.10 -1.07
CA ASN B 62 34.46 -22.54 -0.53
C ASN B 62 34.58 -22.00 0.90
N GLN B 63 35.79 -22.04 1.46
CA GLN B 63 36.01 -21.65 2.86
C GLN B 63 35.75 -20.17 3.12
N ASP B 64 35.44 -19.84 4.38
CA ASP B 64 35.08 -18.46 4.81
CA ASP B 64 35.08 -18.43 4.65
C ASP B 64 36.29 -17.53 4.96
N PHE B 65 37.47 -18.11 4.90
CA PHE B 65 38.71 -17.35 5.12
C PHE B 65 39.56 -17.49 3.86
N GLY B 66 40.67 -16.77 3.82
CA GLY B 66 41.55 -16.77 2.67
C GLY B 66 41.15 -15.65 1.71
N ASP B 67 41.56 -15.80 0.46
CA ASP B 67 41.40 -14.76 -0.53
C ASP B 67 39.97 -14.71 -1.08
N ILE B 68 39.22 -13.73 -0.60
CA ILE B 68 37.80 -13.57 -0.93
C ILE B 68 37.57 -12.13 -1.33
N ASN B 69 36.95 -11.95 -2.50
CA ASN B 69 36.67 -10.63 -3.02
C ASN B 69 35.17 -10.38 -2.97
N LEU B 70 34.76 -9.12 -2.84
CA LEU B 70 33.36 -8.76 -2.87
C LEU B 70 32.99 -8.43 -4.30
N VAL B 71 32.15 -9.28 -4.89
CA VAL B 71 31.74 -9.16 -6.30
C VAL B 71 30.28 -8.77 -6.43
N TYR B 72 29.87 -8.39 -7.62
CA TYR B 72 28.48 -8.02 -7.83
C TYR B 72 28.10 -8.05 -9.29
N LYS B 73 26.80 -8.02 -9.53
CA LYS B 73 26.23 -7.82 -10.85
C LYS B 73 25.11 -6.82 -10.72
N ARG B 74 24.85 -6.06 -11.78
CA ARG B 74 23.70 -5.18 -11.83
C ARG B 74 22.86 -5.64 -13.01
N THR B 75 21.57 -5.36 -12.93
CA THR B 75 20.73 -5.44 -14.14
C THR B 75 21.24 -4.39 -15.14
N LYS B 76 21.18 -4.72 -16.44
CA LYS B 76 21.73 -3.87 -17.49
C LYS B 76 20.99 -2.55 -17.58
N THR B 77 19.70 -2.58 -17.28
CA THR B 77 18.90 -1.37 -17.30
C THR B 77 18.13 -1.27 -16.00
N THR B 78 17.56 -0.10 -15.77
CA THR B 78 16.73 0.15 -14.60
C THR B 78 15.34 -0.50 -14.69
N ALA B 79 14.99 -1.02 -15.87
CA ALA B 79 13.62 -1.47 -16.15
C ALA B 79 13.45 -2.96 -16.40
N ASN B 80 14.53 -3.71 -16.59
CA ASN B 80 14.36 -5.10 -17.02
C ASN B 80 14.07 -6.08 -15.87
N ASN B 81 14.27 -5.61 -14.63
CA ASN B 81 13.91 -6.37 -13.41
C ASN B 81 14.65 -7.72 -13.25
N GLY B 82 15.75 -7.89 -13.99
CA GLY B 82 16.54 -9.10 -13.93
C GLY B 82 15.79 -10.36 -14.34
N ALA B 83 14.84 -10.22 -15.26
CA ALA B 83 13.93 -11.32 -15.58
C ALA B 83 14.59 -12.50 -16.30
N SER B 84 15.60 -12.22 -17.12
CA SER B 84 16.33 -13.26 -17.87
C SER B 84 17.83 -13.19 -17.59
N PRO B 85 18.57 -14.29 -17.80
CA PRO B 85 20.02 -14.19 -17.62
C PRO B 85 20.66 -13.02 -18.39
N SER B 86 20.22 -12.80 -19.63
CA SER B 86 20.76 -11.75 -20.48
C SER B 86 20.47 -10.34 -19.99
N ASP B 87 19.55 -10.22 -19.03
CA ASP B 87 19.20 -8.94 -18.42
C ASP B 87 20.25 -8.46 -17.42
N TRP B 88 21.20 -9.33 -17.11
CA TRP B 88 22.24 -9.04 -16.12
C TRP B 88 23.60 -8.75 -16.75
N GLU B 89 24.25 -7.71 -16.25
CA GLU B 89 25.63 -7.41 -16.62
C GLU B 89 26.57 -8.54 -16.20
N PRO B 90 27.75 -8.62 -16.85
CA PRO B 90 28.80 -9.53 -16.40
C PRO B 90 29.28 -9.19 -14.98
N LEU B 91 29.92 -10.16 -14.33
CA LEU B 91 30.44 -10.00 -12.97
C LEU B 91 31.40 -8.81 -12.88
N ARG B 92 31.24 -8.02 -11.81
CA ARG B 92 32.16 -6.93 -11.45
C ARG B 92 32.65 -7.10 -10.02
N GLU B 93 33.60 -6.24 -9.63
CA GLU B 93 34.19 -6.32 -8.29
C GLU B 93 34.02 -5.00 -7.53
N VAL B 94 33.49 -5.07 -6.30
CA VAL B 94 33.42 -3.89 -5.45
C VAL B 94 34.82 -3.64 -4.85
N VAL B 95 35.37 -4.70 -4.27
CA VAL B 95 36.67 -4.62 -3.61
C VAL B 95 37.27 -6.01 -3.55
N GLY B 96 38.56 -6.08 -3.88
CA GLY B 96 39.29 -7.32 -3.79
C GLY B 96 40.75 -7.17 -3.38
N SER B 97 41.09 -6.01 -2.82
CA SER B 97 42.47 -5.72 -2.44
C SER B 97 43.03 -6.69 -1.41
N GLY B 98 44.24 -7.19 -1.70
CA GLY B 98 44.97 -8.05 -0.79
C GLY B 98 44.47 -9.48 -0.85
N ALA B 99 45.11 -10.35 -0.08
CA ALA B 99 44.79 -11.77 -0.06
C ALA B 99 43.89 -12.12 1.13
N GLY B 100 43.39 -11.08 1.80
CA GLY B 100 42.44 -11.27 2.89
C GLY B 100 41.00 -11.50 2.44
N THR B 101 40.10 -11.46 3.42
CA THR B 101 38.68 -11.73 3.24
C THR B 101 37.88 -10.44 3.24
N TRP B 102 37.25 -10.16 2.10
CA TRP B 102 36.27 -9.08 1.98
C TRP B 102 34.92 -9.74 1.84
N GLY B 103 34.02 -9.49 2.78
CA GLY B 103 32.77 -10.24 2.77
C GLY B 103 31.63 -9.65 3.56
N ASN B 104 30.64 -10.50 3.87
CA ASN B 104 29.45 -10.08 4.61
CA ASN B 104 29.43 -10.11 4.59
C ASN B 104 28.72 -8.88 3.97
N PRO B 105 28.44 -8.93 2.66
CA PRO B 105 27.79 -7.75 2.05
C PRO B 105 26.47 -7.44 2.74
N THR B 106 26.30 -6.18 3.15
CA THR B 106 25.07 -5.74 3.83
C THR B 106 24.71 -4.35 3.31
N PRO B 107 24.04 -4.31 2.14
CA PRO B 107 23.68 -3.05 1.50
C PRO B 107 22.39 -2.44 2.02
N VAL B 108 22.29 -1.13 1.86
CA VAL B 108 21.07 -0.39 2.07
C VAL B 108 21.02 0.80 1.12
N VAL B 109 19.87 0.97 0.47
CA VAL B 109 19.64 2.08 -0.49
C VAL B 109 19.04 3.27 0.27
N ASP B 110 19.71 4.41 0.17
CA ASP B 110 19.25 5.63 0.84
C ASP B 110 18.38 6.46 -0.11
N ASP B 111 17.70 7.48 0.45
CA ASP B 111 16.66 8.26 -0.24
C ASP B 111 17.13 8.95 -1.52
N ASP B 112 18.39 9.35 -1.52
CA ASP B 112 19.02 10.01 -2.66
C ASP B 112 19.55 9.03 -3.71
N ASN B 113 19.31 7.75 -3.47
CA ASN B 113 19.89 6.62 -4.22
C ASN B 113 21.38 6.34 -4.03
N THR B 114 21.98 6.91 -2.99
CA THR B 114 23.29 6.45 -2.55
C THR B 114 23.05 5.02 -2.04
N ILE B 115 23.85 4.09 -2.55
CA ILE B 115 23.78 2.74 -2.01
C ILE B 115 24.97 2.55 -1.08
N TYR B 116 24.67 2.36 0.20
CA TYR B 116 25.70 2.05 1.18
C TYR B 116 25.90 0.55 1.21
N LEU B 117 27.15 0.13 1.33
CA LEU B 117 27.46 -1.28 1.44
C LEU B 117 28.42 -1.49 2.61
N PHE B 118 27.90 -2.05 3.70
CA PHE B 118 28.72 -2.42 4.83
C PHE B 118 29.34 -3.79 4.55
N LEU B 119 30.56 -3.98 5.03
CA LEU B 119 31.34 -5.17 4.79
C LEU B 119 32.14 -5.53 6.01
N SER B 120 32.45 -6.83 6.12
CA SER B 120 33.40 -7.34 7.10
C SER B 120 34.69 -7.66 6.39
N TRP B 121 35.80 -7.53 7.12
CA TRP B 121 37.12 -7.88 6.60
C TRP B 121 37.91 -8.61 7.66
N ASN B 122 38.68 -9.61 7.23
CA ASN B 122 39.79 -10.10 8.04
C ASN B 122 41.04 -10.29 7.19
N GLY B 123 42.18 -10.34 7.86
CA GLY B 123 43.46 -10.55 7.19
C GLY B 123 43.66 -11.89 6.52
N ALA B 124 44.63 -11.91 5.59
CA ALA B 124 45.01 -13.07 4.80
C ALA B 124 45.39 -14.30 5.61
N THR B 125 45.94 -14.06 6.80
CA THR B 125 46.47 -15.15 7.59
C THR B 125 45.63 -15.45 8.85
N TYR B 126 44.43 -14.89 8.91
CA TYR B 126 43.54 -15.14 10.05
C TYR B 126 42.26 -15.87 9.63
N SER B 127 41.75 -16.72 10.51
CA SER B 127 40.45 -17.36 10.30
C SER B 127 39.70 -17.47 11.62
N GLN B 128 38.38 -17.64 11.54
CA GLN B 128 37.53 -17.66 12.74
C GLN B 128 38.04 -18.63 13.82
N ASN B 129 38.35 -19.86 13.40
CA ASN B 129 38.81 -20.90 14.32
C ASN B 129 40.31 -20.94 14.52
N GLY B 130 41.05 -20.43 13.53
CA GLY B 130 42.50 -20.54 13.52
C GLY B 130 42.96 -21.94 13.15
N LYS B 131 44.25 -22.04 12.82
CA LYS B 131 44.91 -23.31 12.43
C LYS B 131 44.30 -23.99 11.21
N ASP B 132 43.67 -23.20 10.35
CA ASP B 132 43.20 -23.66 9.05
C ASP B 132 44.32 -23.53 8.04
N VAL B 133 44.36 -24.47 7.11
CA VAL B 133 45.39 -24.50 6.09
C VAL B 133 44.89 -23.79 4.82
N LEU B 134 45.66 -22.78 4.40
CA LEU B 134 45.40 -22.04 3.17
C LEU B 134 45.90 -22.86 1.97
N PRO B 135 45.50 -22.46 0.75
CA PRO B 135 45.96 -23.18 -0.46
C PRO B 135 47.49 -23.34 -0.59
N ASP B 136 48.26 -22.34 -0.13
CA ASP B 136 49.73 -22.40 -0.22
C ASP B 136 50.41 -23.10 0.96
N GLY B 137 49.61 -23.73 1.82
CA GLY B 137 50.13 -24.48 2.97
C GLY B 137 50.31 -23.70 4.25
N THR B 138 50.13 -22.37 4.19
CA THR B 138 50.17 -21.50 5.36
C THR B 138 49.07 -21.84 6.34
N VAL B 139 49.42 -21.85 7.62
CA VAL B 139 48.49 -22.16 8.70
C VAL B 139 48.03 -20.84 9.29
N THR B 140 46.72 -20.66 9.39
CA THR B 140 46.14 -19.40 9.87
C THR B 140 46.24 -19.22 11.38
N LYS B 141 46.28 -17.97 11.80
CA LYS B 141 46.15 -17.61 13.20
C LYS B 141 44.66 -17.44 13.50
N LYS B 142 44.25 -17.73 14.73
CA LYS B 142 42.87 -17.50 15.12
C LYS B 142 42.57 -16.02 15.23
N ILE B 143 41.42 -15.60 14.69
CA ILE B 143 41.02 -14.21 14.80
CA ILE B 143 40.97 -14.21 14.81
C ILE B 143 41.07 -13.79 16.27
N ASP B 144 41.73 -12.67 16.53
CA ASP B 144 41.93 -12.17 17.90
C ASP B 144 41.56 -10.70 18.04
N SER B 145 41.81 -10.10 19.21
CA SER B 145 41.43 -8.70 19.46
C SER B 145 42.47 -7.67 19.04
N THR B 146 43.56 -8.13 18.41
CA THR B 146 44.58 -7.21 17.93
C THR B 146 44.07 -6.48 16.69
N TRP B 147 44.65 -5.33 16.37
CA TRP B 147 44.26 -4.58 15.18
C TRP B 147 44.40 -5.43 13.92
N GLU B 148 45.56 -6.07 13.79
CA GLU B 148 45.87 -6.90 12.63
CA GLU B 148 45.86 -6.90 12.61
C GLU B 148 45.00 -8.16 12.54
N GLY B 149 44.61 -8.68 13.70
CA GLY B 149 43.94 -9.96 13.77
C GLY B 149 42.45 -9.96 14.02
N ARG B 150 41.86 -8.79 14.22
CA ARG B 150 40.42 -8.73 14.47
C ARG B 150 39.64 -8.64 13.16
N ARG B 151 38.33 -8.83 13.26
CA ARG B 151 37.44 -8.57 12.15
C ARG B 151 37.12 -7.08 12.12
N HIS B 152 37.30 -6.49 10.94
CA HIS B 152 37.09 -5.06 10.74
C HIS B 152 35.74 -4.83 10.08
N LEU B 153 35.22 -3.62 10.23
CA LEU B 153 33.97 -3.23 9.63
C LEU B 153 34.27 -2.11 8.64
N TYR B 154 33.90 -2.33 7.39
CA TYR B 154 34.15 -1.37 6.33
C TYR B 154 32.87 -0.85 5.71
N LEU B 155 32.94 0.37 5.17
CA LEU B 155 31.83 0.94 4.45
C LEU B 155 32.28 1.45 3.08
N THR B 156 31.55 1.08 2.03
CA THR B 156 31.75 1.66 0.71
C THR B 156 30.38 2.13 0.22
N GLU B 157 30.36 3.06 -0.72
CA GLU B 157 29.11 3.49 -1.30
C GLU B 157 29.21 3.78 -2.76
N SER B 158 28.04 3.82 -3.41
CA SER B 158 27.95 4.13 -4.84
C SER B 158 27.01 5.31 -5.03
N ARG B 159 27.40 6.25 -5.88
CA ARG B 159 26.59 7.40 -6.17
C ARG B 159 26.03 7.35 -7.57
N ASP B 160 26.33 6.25 -8.27
CA ASP B 160 25.95 6.11 -9.68
C ASP B 160 25.21 4.79 -9.96
N ASP B 161 24.25 4.49 -9.09
CA ASP B 161 23.36 3.32 -9.29
C ASP B 161 24.17 2.02 -9.37
N GLY B 162 25.25 1.95 -8.58
CA GLY B 162 26.08 0.75 -8.49
C GLY B 162 27.17 0.60 -9.51
N ASN B 163 27.30 1.58 -10.42
CA ASN B 163 28.29 1.49 -11.48
C ASN B 163 29.70 1.49 -10.91
N THR B 164 29.94 2.36 -9.94
CA THR B 164 31.25 2.45 -9.29
C THR B 164 31.10 2.56 -7.78
N TRP B 165 32.16 2.17 -7.08
CA TRP B 165 32.18 2.09 -5.61
C TRP B 165 33.37 2.83 -5.05
N SER B 166 33.14 3.54 -3.93
CA SER B 166 34.22 4.26 -3.27
C SER B 166 35.20 3.28 -2.60
N LYS B 167 36.44 3.71 -2.40
CA LYS B 167 37.40 2.87 -1.66
C LYS B 167 36.84 2.67 -0.25
N PRO B 168 36.68 1.39 0.18
CA PRO B 168 36.04 1.15 1.47
C PRO B 168 36.81 1.81 2.62
N VAL B 169 36.06 2.39 3.56
CA VAL B 169 36.62 3.12 4.71
C VAL B 169 36.41 2.28 5.96
N ASP B 170 37.48 2.14 6.74
CA ASP B 170 37.47 1.30 7.94
C ASP B 170 36.78 2.05 9.08
N LEU B 171 35.64 1.53 9.52
CA LEU B 171 34.84 2.17 10.57
C LEU B 171 34.85 1.35 11.85
N THR B 172 35.80 0.42 11.97
CA THR B 172 35.91 -0.49 13.14
C THR B 172 35.98 0.27 14.46
N LYS B 173 36.86 1.26 14.55
CA LYS B 173 37.02 1.99 15.82
C LYS B 173 35.74 2.70 16.26
N GLU B 174 34.94 3.11 15.27
CA GLU B 174 33.72 3.89 15.49
C GLU B 174 32.51 3.02 15.79
N LEU B 175 32.41 1.89 15.08
CA LEU B 175 31.16 1.12 15.03
C LEU B 175 31.29 -0.33 15.47
N THR B 176 32.48 -0.71 15.92
CA THR B 176 32.65 -2.01 16.57
C THR B 176 33.14 -1.83 18.01
N PRO B 177 32.51 -2.53 18.96
CA PRO B 177 33.00 -2.39 20.34
C PRO B 177 34.49 -2.70 20.49
N ASP B 178 35.15 -1.98 21.39
CA ASP B 178 36.54 -2.26 21.72
C ASP B 178 36.71 -3.64 22.33
N GLY B 179 37.86 -4.25 22.07
CA GLY B 179 38.16 -5.58 22.61
C GLY B 179 37.55 -6.73 21.83
N TRP B 180 36.78 -6.43 20.79
CA TRP B 180 36.19 -7.49 19.95
C TRP B 180 37.25 -8.13 19.05
N ALA B 181 37.02 -9.42 18.78
CA ALA B 181 37.85 -10.19 17.88
C ALA B 181 36.99 -10.53 16.66
N TRP B 182 36.21 -11.60 16.74
CA TRP B 182 35.24 -11.88 15.68
C TRP B 182 34.20 -10.76 15.61
N ASP B 183 33.72 -10.51 14.39
CA ASP B 183 32.62 -9.59 14.16
C ASP B 183 31.95 -9.98 12.84
N ALA B 184 30.75 -9.47 12.64
CA ALA B 184 30.01 -9.68 11.40
C ALA B 184 29.02 -8.56 11.25
N VAL B 185 28.81 -8.13 10.02
CA VAL B 185 27.70 -7.26 9.69
C VAL B 185 26.79 -8.09 8.80
N GLY B 186 25.47 -7.92 8.96
CA GLY B 186 24.52 -8.78 8.24
C GLY B 186 24.93 -10.25 8.33
N PRO B 187 25.05 -10.94 7.19
CA PRO B 187 24.95 -10.43 5.83
C PRO B 187 23.52 -10.38 5.34
N GLY B 188 23.27 -9.54 4.34
CA GLY B 188 21.98 -9.49 3.67
C GLY B 188 21.56 -8.10 3.25
N ASN B 189 21.01 -7.33 4.19
CA ASN B 189 20.54 -5.98 3.90
C ASN B 189 20.24 -5.19 5.14
N GLY B 190 20.38 -3.88 5.01
CA GLY B 190 19.83 -2.94 5.99
C GLY B 190 18.52 -2.38 5.47
N ILE B 191 17.94 -1.49 6.26
CA ILE B 191 16.64 -0.88 5.96
C ILE B 191 16.60 0.63 6.20
N ARG B 192 15.62 1.26 5.56
CA ARG B 192 15.29 2.67 5.78
C ARG B 192 13.91 2.72 6.43
N LEU B 193 13.82 3.37 7.60
CA LEU B 193 12.59 3.41 8.38
C LEU B 193 11.61 4.43 7.83
N THR B 194 10.33 4.25 8.16
CA THR B 194 9.28 5.21 7.83
C THR B 194 9.69 6.60 8.31
N THR B 195 10.39 6.65 9.45
CA THR B 195 10.77 7.90 10.09
C THR B 195 12.11 8.44 9.57
N GLY B 196 12.74 7.70 8.64
CA GLY B 196 13.85 8.25 7.85
C GLY B 196 15.24 7.75 8.16
N GLU B 197 15.41 7.09 9.31
CA GLU B 197 16.72 6.57 9.72
C GLU B 197 17.09 5.30 8.95
N LEU B 198 18.37 5.00 8.88
CA LEU B 198 18.84 3.70 8.37
C LEU B 198 19.17 2.77 9.51
N VAL B 199 18.87 1.49 9.35
CA VAL B 199 19.23 0.48 10.34
C VAL B 199 19.93 -0.69 9.65
N ILE B 200 21.13 -1.01 10.12
CA ILE B 200 21.93 -2.08 9.55
C ILE B 200 22.16 -3.14 10.64
N PRO B 201 21.71 -4.39 10.40
CA PRO B 201 21.89 -5.38 11.46
C PRO B 201 23.33 -5.87 11.48
N ALA B 202 23.86 -6.09 12.69
CA ALA B 202 25.21 -6.61 12.84
C ALA B 202 25.28 -7.49 14.09
N MET B 203 26.43 -8.09 14.32
CA MET B 203 26.66 -8.90 15.50
C MET B 203 26.43 -8.08 16.75
N GLY B 204 25.49 -8.53 17.57
CA GLY B 204 25.24 -7.95 18.89
C GLY B 204 24.76 -6.53 18.94
N ARG B 205 24.36 -5.98 17.78
CA ARG B 205 24.07 -4.54 17.68
C ARG B 205 23.41 -4.21 16.36
N ASN B 206 22.66 -3.10 16.34
CA ASN B 206 22.31 -2.42 15.10
C ASN B 206 23.23 -1.23 14.89
N ILE B 207 23.48 -0.91 13.61
CA ILE B 207 24.18 0.31 13.24
C ILE B 207 23.10 1.24 12.71
N ILE B 208 23.01 2.44 13.29
CA ILE B 208 21.93 3.36 12.95
C ILE B 208 22.50 4.53 12.19
N GLY B 209 21.88 4.81 11.05
CA GLY B 209 22.24 5.99 10.23
C GLY B 209 21.24 7.10 10.38
N ARG B 210 21.73 8.29 10.72
CA ARG B 210 20.88 9.45 10.87
C ARG B 210 21.37 10.59 10.00
N GLY B 211 20.48 11.52 9.69
CA GLY B 211 20.87 12.71 8.95
C GLY B 211 20.54 12.67 7.47
N ALA B 212 21.28 13.45 6.70
CA ALA B 212 21.01 13.63 5.29
C ALA B 212 21.25 12.35 4.48
N PRO B 213 20.31 12.00 3.59
CA PRO B 213 20.48 10.81 2.75
C PRO B 213 21.83 10.80 2.03
N GLY B 214 22.56 9.69 2.15
CA GLY B 214 23.84 9.58 1.46
C GLY B 214 24.96 10.36 2.13
N ASN B 215 24.63 11.03 3.23
CA ASN B 215 25.62 11.69 4.08
CA ASN B 215 25.57 11.75 4.06
C ASN B 215 25.25 11.48 5.55
N ARG B 216 24.98 10.21 5.86
CA ARG B 216 24.55 9.82 7.18
C ARG B 216 25.68 9.86 8.21
N THR B 217 25.30 10.14 9.44
CA THR B 217 26.16 9.85 10.60
C THR B 217 25.69 8.54 11.23
N TRP B 218 26.67 7.79 11.73
CA TRP B 218 26.48 6.44 12.22
C TRP B 218 26.72 6.33 13.70
N SER B 219 25.90 5.50 14.34
CA SER B 219 26.06 5.17 15.74
C SER B 219 25.68 3.72 15.98
N VAL B 220 26.00 3.21 17.17
CA VAL B 220 25.73 1.82 17.51
C VAL B 220 24.60 1.72 18.54
N GLN B 221 23.63 0.86 18.25
CA GLN B 221 22.60 0.45 19.21
C GLN B 221 22.94 -0.95 19.71
N ARG B 222 23.47 -1.06 20.92
CA ARG B 222 23.83 -2.37 21.46
C ARG B 222 22.59 -3.20 21.78
N LEU B 223 22.66 -4.49 21.51
CA LEU B 223 21.51 -5.39 21.73
C LEU B 223 21.84 -6.62 22.56
N SER B 224 21.22 -6.70 23.72
CA SER B 224 21.44 -7.81 24.64
CA SER B 224 21.43 -7.81 24.65
C SER B 224 20.81 -9.08 24.08
N GLY B 225 21.63 -10.11 23.90
CA GLY B 225 21.13 -11.41 23.43
C GLY B 225 20.96 -11.56 21.93
N ALA B 226 21.33 -10.53 21.17
CA ALA B 226 21.34 -10.60 19.70
C ALA B 226 22.34 -11.64 19.20
N GLY B 227 22.08 -12.17 18.01
CA GLY B 227 23.00 -13.13 17.39
C GLY B 227 24.16 -12.48 16.64
N ALA B 228 25.00 -13.31 16.04
CA ALA B 228 26.12 -12.82 15.24
C ALA B 228 25.66 -12.38 13.85
N GLU B 229 24.73 -13.16 13.28
CA GLU B 229 24.15 -12.88 11.98
C GLU B 229 22.67 -12.52 12.09
N GLY B 230 22.42 -11.22 12.04
CA GLY B 230 21.09 -10.69 12.25
C GLY B 230 20.38 -10.23 10.98
N THR B 231 19.05 -10.18 11.07
CA THR B 231 18.21 -9.51 10.08
C THR B 231 17.35 -8.48 10.79
N ILE B 232 16.92 -7.46 10.05
CA ILE B 232 16.12 -6.36 10.59
C ILE B 232 14.99 -6.04 9.64
N VAL B 233 13.80 -5.76 10.18
CA VAL B 233 12.71 -5.27 9.37
C VAL B 233 11.92 -4.33 10.26
N GLN B 234 11.21 -3.40 9.64
CA GLN B 234 10.21 -2.60 10.33
C GLN B 234 8.85 -3.26 10.07
N THR B 235 8.21 -3.69 11.15
CA THR B 235 6.93 -4.38 11.03
C THR B 235 5.82 -3.35 10.75
N PRO B 236 4.62 -3.82 10.36
CA PRO B 236 3.57 -2.86 10.00
C PRO B 236 3.21 -1.85 11.11
N ASP B 237 3.37 -2.28 12.37
CA ASP B 237 3.10 -1.38 13.51
C ASP B 237 4.11 -0.24 13.64
N GLY B 238 5.17 -0.32 12.82
CA GLY B 238 6.21 0.70 12.80
C GLY B 238 7.37 0.42 13.72
N LYS B 239 7.28 -0.66 14.48
CA LYS B 239 8.36 -1.03 15.39
C LYS B 239 9.44 -1.82 14.65
N LEU B 240 10.56 -2.05 15.33
CA LEU B 240 11.66 -2.79 14.75
C LEU B 240 11.57 -4.25 15.16
N TYR B 241 12.20 -5.11 14.36
CA TYR B 241 12.12 -6.56 14.52
C TYR B 241 13.45 -7.15 14.10
N ARG B 242 14.14 -7.76 15.05
CA ARG B 242 15.38 -8.50 14.80
C ARG B 242 15.03 -9.99 14.72
N ASN B 243 15.43 -10.61 13.61
CA ASN B 243 15.24 -12.04 13.44
C ASN B 243 16.61 -12.67 13.11
N ASP B 244 17.22 -13.30 14.11
CA ASP B 244 18.62 -13.68 14.08
C ASP B 244 18.84 -15.17 13.99
N ARG B 245 19.93 -15.56 13.33
CA ARG B 245 20.42 -16.93 13.34
C ARG B 245 20.75 -17.34 14.77
N PRO B 246 20.24 -18.50 15.21
CA PRO B 246 20.60 -18.96 16.56
C PRO B 246 22.02 -19.50 16.62
N SER B 247 22.60 -19.50 17.82
CA SER B 247 23.94 -20.04 18.01
C SER B 247 23.97 -21.55 17.87
N GLN B 248 22.85 -22.19 18.21
CA GLN B 248 22.70 -23.64 18.07
C GLN B 248 21.47 -23.95 17.22
N LYS B 249 21.48 -25.07 16.50
CA LYS B 249 20.35 -25.51 15.67
C LYS B 249 19.04 -25.52 16.46
N GLY B 250 17.97 -25.05 15.83
CA GLY B 250 16.64 -25.10 16.44
C GLY B 250 15.66 -24.14 15.80
N TYR B 251 15.76 -22.86 16.16
CA TYR B 251 14.75 -21.87 15.81
C TYR B 251 15.37 -20.50 15.64
N ARG B 252 14.75 -19.66 14.82
CA ARG B 252 15.17 -18.26 14.70
C ARG B 252 15.04 -17.60 16.08
N MET B 253 15.92 -16.63 16.36
CA MET B 253 15.83 -15.87 17.60
C MET B 253 15.28 -14.48 17.27
N VAL B 254 14.18 -14.11 17.92
CA VAL B 254 13.45 -12.89 17.59
C VAL B 254 13.40 -11.90 18.76
N ALA B 255 13.62 -10.62 18.48
CA ALA B 255 13.39 -9.56 19.45
C ALA B 255 12.70 -8.39 18.76
N ARG B 256 11.95 -7.61 19.54
CA ARG B 256 11.25 -6.45 19.00
C ARG B 256 11.61 -5.19 19.79
N GLY B 257 11.49 -4.03 19.15
CA GLY B 257 11.86 -2.80 19.83
C GLY B 257 11.73 -1.57 18.95
N THR B 258 12.44 -0.52 19.35
CA THR B 258 12.44 0.76 18.64
C THR B 258 13.87 1.28 18.68
N LEU B 259 14.10 2.47 18.12
CA LEU B 259 15.43 3.07 18.20
C LEU B 259 15.86 3.43 19.62
N GLU B 260 14.92 3.36 20.56
CA GLU B 260 15.20 3.63 21.99
C GLU B 260 15.48 2.37 22.81
N GLY B 261 15.40 1.19 22.20
CA GLY B 261 15.69 -0.06 22.90
C GLY B 261 14.89 -1.26 22.44
N PHE B 262 15.44 -2.44 22.70
CA PHE B 262 14.82 -3.71 22.36
C PHE B 262 14.49 -4.53 23.59
N GLY B 263 13.44 -5.34 23.48
CA GLY B 263 13.15 -6.38 24.46
C GLY B 263 14.09 -7.56 24.26
N ALA B 264 13.91 -8.62 25.05
CA ALA B 264 14.79 -9.78 25.00
C ALA B 264 14.56 -10.61 23.74
N PHE B 265 15.58 -11.35 23.32
CA PHE B 265 15.48 -12.32 22.24
C PHE B 265 14.93 -13.63 22.80
N ALA B 266 14.02 -14.23 22.05
CA ALA B 266 13.46 -15.53 22.39
C ALA B 266 13.30 -16.39 21.13
N PRO B 267 13.42 -17.73 21.27
CA PRO B 267 13.21 -18.58 20.09
C PRO B 267 11.78 -18.46 19.57
N ASP B 268 11.64 -18.39 18.25
CA ASP B 268 10.35 -18.36 17.59
C ASP B 268 10.03 -19.78 17.15
N ALA B 269 9.19 -20.45 17.95
CA ALA B 269 8.78 -21.84 17.69
C ALA B 269 8.20 -22.05 16.27
N GLY B 270 7.71 -20.97 15.67
CA GLY B 270 7.11 -21.03 14.33
C GLY B 270 8.13 -21.05 13.21
N LEU B 271 9.38 -20.70 13.53
CA LEU B 271 10.43 -20.60 12.50
C LEU B 271 11.64 -21.48 12.82
N PRO B 272 11.53 -22.79 12.52
CA PRO B 272 12.68 -23.67 12.68
C PRO B 272 13.85 -23.19 11.79
N ASP B 273 15.05 -23.42 12.28
CA ASP B 273 16.25 -22.96 11.57
C ASP B 273 17.39 -23.89 11.97
N PRO B 274 18.27 -24.25 11.01
CA PRO B 274 19.33 -25.23 11.33
C PRO B 274 20.65 -24.55 11.71
N ALA B 275 20.55 -23.34 12.26
CA ALA B 275 21.69 -22.44 12.53
C ALA B 275 22.33 -22.01 11.21
N CYS B 276 21.56 -21.20 10.49
CA CYS B 276 21.95 -20.72 9.19
C CYS B 276 21.42 -19.29 9.08
N GLN B 277 22.06 -18.49 8.24
CA GLN B 277 21.56 -17.14 7.94
C GLN B 277 20.15 -17.21 7.32
N GLY B 278 19.36 -16.15 7.54
CA GLY B 278 18.04 -16.01 6.93
C GLY B 278 17.88 -14.59 6.40
N SER B 279 16.71 -14.33 5.81
CA SER B 279 16.42 -13.00 5.24
C SER B 279 14.96 -12.58 5.48
N VAL B 280 14.72 -11.30 5.61
CA VAL B 280 13.40 -10.76 5.93
C VAL B 280 13.19 -9.49 5.10
N LEU B 281 11.95 -9.23 4.72
CA LEU B 281 11.63 -8.13 3.83
C LEU B 281 10.30 -7.48 4.18
N ARG B 282 10.30 -6.15 4.28
CA ARG B 282 9.06 -5.37 4.32
C ARG B 282 8.55 -5.24 2.90
N TYR B 283 7.48 -5.96 2.59
CA TYR B 283 7.01 -6.02 1.20
C TYR B 283 6.15 -4.80 0.84
N ASN B 284 5.15 -4.54 1.67
CA ASN B 284 4.23 -3.43 1.43
C ASN B 284 3.60 -3.00 2.75
N SER B 285 3.07 -1.77 2.75
CA SER B 285 2.46 -1.18 3.94
C SER B 285 0.96 -0.92 3.76
N ASP B 286 0.50 -0.83 2.51
CA ASP B 286 -0.93 -0.72 2.21
C ASP B 286 -1.66 -2.03 2.53
N ALA B 287 -2.92 -1.95 2.91
CA ALA B 287 -3.69 -3.15 3.28
C ALA B 287 -3.81 -4.16 2.13
N PRO B 288 -3.45 -5.43 2.38
CA PRO B 288 -2.93 -5.94 3.66
C PRO B 288 -1.41 -5.86 3.73
N ALA B 289 -0.89 -5.31 4.82
CA ALA B 289 0.56 -5.18 5.00
C ALA B 289 1.18 -6.58 5.06
N ARG B 290 2.35 -6.75 4.44
CA ARG B 290 3.04 -8.05 4.44
C ARG B 290 4.53 -7.93 4.76
N THR B 291 5.00 -8.84 5.62
CA THR B 291 6.41 -9.06 5.85
C THR B 291 6.75 -10.43 5.26
N ILE B 292 7.85 -10.48 4.53
CA ILE B 292 8.32 -11.73 3.94
C ILE B 292 9.49 -12.27 4.74
N PHE B 293 9.53 -13.59 4.90
CA PHE B 293 10.66 -14.26 5.55
C PHE B 293 11.14 -15.45 4.74
N LEU B 294 12.46 -15.63 4.70
CA LEU B 294 13.08 -16.73 3.97
C LEU B 294 14.21 -17.35 4.78
N ASN B 295 14.15 -18.66 4.97
CA ASN B 295 15.27 -19.40 5.56
C ASN B 295 15.13 -20.88 5.20
N SER B 296 16.01 -21.73 5.73
CA SER B 296 15.77 -23.17 5.63
C SER B 296 14.90 -23.58 6.80
N ALA B 297 13.67 -24.01 6.48
CA ALA B 297 12.66 -24.32 7.50
C ALA B 297 12.85 -25.75 8.03
N SER B 298 13.94 -25.92 8.79
CA SER B 298 14.34 -27.21 9.31
C SER B 298 15.23 -26.96 10.51
N GLY B 299 15.10 -27.80 11.53
CA GLY B 299 16.00 -27.78 12.67
C GLY B 299 17.36 -28.37 12.37
N THR B 300 17.52 -29.04 11.22
CA THR B 300 18.76 -29.75 10.93
C THR B 300 19.41 -29.49 9.57
N SER B 301 18.58 -29.25 8.53
CA SER B 301 19.06 -29.20 7.15
C SER B 301 18.98 -27.80 6.55
N ARG B 302 19.95 -27.43 5.71
CA ARG B 302 19.91 -26.18 4.95
C ARG B 302 19.15 -26.31 3.62
N ARG B 303 18.69 -27.52 3.31
CA ARG B 303 18.05 -27.80 2.03
C ARG B 303 16.53 -27.80 2.14
N ALA B 304 16.00 -26.93 3.00
CA ALA B 304 14.56 -26.84 3.21
C ALA B 304 14.06 -25.39 3.02
N MET B 305 14.56 -24.71 1.99
CA MET B 305 14.24 -23.29 1.79
C MET B 305 12.72 -23.06 1.65
N ARG B 306 12.21 -22.12 2.45
CA ARG B 306 10.80 -21.82 2.50
C ARG B 306 10.66 -20.31 2.61
N VAL B 307 9.90 -19.74 1.68
CA VAL B 307 9.51 -18.33 1.73
C VAL B 307 8.11 -18.24 2.37
N ARG B 308 7.91 -17.26 3.24
CA ARG B 308 6.65 -17.14 3.99
C ARG B 308 6.18 -15.69 4.09
N ILE B 309 4.88 -15.51 4.37
CA ILE B 309 4.28 -14.19 4.58
C ILE B 309 3.71 -14.08 5.99
N SER B 310 3.93 -12.92 6.63
CA SER B 310 3.20 -12.59 7.85
C SER B 310 2.34 -11.39 7.56
N TYR B 311 1.07 -11.47 8.00
CA TYR B 311 0.14 -10.34 7.91
C TYR B 311 0.02 -9.61 9.24
N ASP B 312 0.74 -10.09 10.25
CA ASP B 312 0.65 -9.53 11.60
C ASP B 312 1.37 -8.19 11.75
N ALA B 313 0.77 -7.26 12.48
CA ALA B 313 1.37 -5.94 12.67
C ALA B 313 2.75 -6.00 13.37
N ASP B 314 2.98 -7.06 14.14
CA ASP B 314 4.25 -7.31 14.81
C ASP B 314 5.00 -8.53 14.23
N ALA B 315 4.53 -9.01 13.07
CA ALA B 315 5.05 -10.23 12.45
C ALA B 315 5.15 -11.42 13.43
N LYS B 316 4.13 -11.57 14.28
CA LYS B 316 4.12 -12.65 15.26
C LYS B 316 4.13 -14.03 14.58
N LYS B 317 3.25 -14.21 13.60
CA LYS B 317 3.07 -15.50 12.95
C LYS B 317 3.24 -15.41 11.44
N PHE B 318 3.96 -16.37 10.88
CA PHE B 318 4.06 -16.51 9.42
C PHE B 318 3.26 -17.71 8.94
N ASN B 319 2.76 -17.62 7.71
CA ASN B 319 2.10 -18.78 7.09
C ASN B 319 3.08 -19.89 6.75
N TYR B 320 2.56 -21.03 6.28
CA TYR B 320 3.43 -22.11 5.84
C TYR B 320 4.32 -21.60 4.69
N GLY B 321 3.73 -20.81 3.80
CA GLY B 321 4.45 -20.24 2.67
C GLY B 321 4.63 -21.23 1.54
N ARG B 322 5.81 -21.19 0.91
CA ARG B 322 6.11 -22.13 -0.15
C ARG B 322 7.56 -22.59 -0.15
N LYS B 323 7.76 -23.88 -0.39
CA LYS B 323 9.09 -24.44 -0.56
C LYS B 323 9.64 -24.00 -1.91
N LEU B 324 10.88 -23.53 -1.93
CA LEU B 324 11.51 -23.13 -3.18
C LEU B 324 11.73 -24.29 -4.15
N GLU B 325 11.80 -25.51 -3.60
CA GLU B 325 11.94 -26.71 -4.41
C GLU B 325 10.70 -26.97 -5.29
N ASP B 326 9.60 -26.28 -5.00
CA ASP B 326 8.40 -26.33 -5.85
C ASP B 326 8.68 -25.73 -7.24
N ALA B 327 9.69 -24.87 -7.31
CA ALA B 327 10.16 -24.34 -8.59
C ALA B 327 11.67 -24.59 -8.63
N LYS B 328 12.01 -25.86 -8.78
CA LYS B 328 13.39 -26.33 -8.72
CA LYS B 328 13.39 -26.35 -8.76
C LYS B 328 14.27 -25.76 -9.85
N VAL B 329 15.52 -25.48 -9.53
CA VAL B 329 16.52 -25.15 -10.52
C VAL B 329 17.34 -26.41 -10.79
N SER B 330 17.63 -26.68 -12.07
CA SER B 330 18.47 -27.81 -12.47
CA SER B 330 18.47 -27.81 -12.47
C SER B 330 19.83 -27.33 -12.93
N GLY B 331 20.86 -28.12 -12.61
CA GLY B 331 22.22 -27.85 -13.06
C GLY B 331 23.03 -26.89 -12.20
N ALA B 332 22.51 -26.54 -11.03
CA ALA B 332 23.17 -25.56 -10.18
C ALA B 332 23.39 -26.07 -8.76
N GLY B 333 23.42 -27.40 -8.59
CA GLY B 333 23.69 -27.99 -7.29
C GLY B 333 22.43 -28.10 -6.45
N HIS B 334 22.62 -28.43 -5.17
CA HIS B 334 21.54 -28.55 -4.21
C HIS B 334 21.24 -27.18 -3.59
N GLU B 335 20.05 -26.65 -3.85
CA GLU B 335 19.67 -25.34 -3.30
C GLU B 335 19.52 -25.36 -1.78
N GLY B 336 20.03 -24.32 -1.15
CA GLY B 336 19.83 -24.13 0.28
C GLY B 336 21.03 -23.52 0.96
N GLY B 337 20.76 -22.56 1.83
CA GLY B 337 21.79 -21.89 2.61
C GLY B 337 21.39 -20.45 2.82
N TYR B 338 22.39 -19.56 2.82
CA TYR B 338 22.15 -18.13 2.98
C TYR B 338 21.28 -17.57 1.84
N SER B 339 20.54 -16.52 2.17
CA SER B 339 19.61 -15.92 1.20
C SER B 339 19.51 -14.41 1.39
N SER B 340 18.95 -13.74 0.39
CA SER B 340 18.66 -12.31 0.50
C SER B 340 17.46 -11.98 -0.37
N MET B 341 16.60 -11.07 0.10
CA MET B 341 15.39 -10.65 -0.67
C MET B 341 15.29 -9.17 -0.86
N THR B 342 14.75 -8.80 -2.01
CA THR B 342 14.38 -7.42 -2.29
C THR B 342 13.04 -7.48 -3.02
N LYS B 343 12.41 -6.32 -3.17
CA LYS B 343 11.18 -6.21 -3.93
C LYS B 343 11.60 -5.60 -5.26
N THR B 344 11.23 -6.24 -6.36
CA THR B 344 11.63 -5.76 -7.69
C THR B 344 10.75 -4.62 -8.14
N GLY B 345 11.20 -3.94 -9.18
CA GLY B 345 10.45 -2.85 -9.78
C GLY B 345 9.12 -3.27 -10.37
N ASP B 346 9.02 -4.54 -10.76
CA ASP B 346 7.76 -5.10 -11.27
C ASP B 346 6.99 -5.90 -10.22
N TYR B 347 7.18 -5.54 -8.94
CA TYR B 347 6.35 -6.05 -7.84
C TYR B 347 6.41 -7.58 -7.74
N LYS B 348 7.63 -8.07 -7.73
CA LYS B 348 7.90 -9.45 -7.42
C LYS B 348 8.81 -9.47 -6.21
N ILE B 349 8.86 -10.60 -5.54
CA ILE B 349 9.95 -10.84 -4.58
C ILE B 349 11.12 -11.34 -5.40
N GLY B 350 12.28 -10.70 -5.24
CA GLY B 350 13.51 -11.15 -5.86
C GLY B 350 14.40 -11.73 -4.79
N ALA B 351 14.78 -13.00 -4.94
CA ALA B 351 15.59 -13.67 -3.91
C ALA B 351 16.87 -14.23 -4.50
N LEU B 352 17.96 -14.03 -3.78
CA LEU B 352 19.20 -14.78 -4.03
C LEU B 352 19.33 -15.89 -3.03
N VAL B 353 19.62 -17.10 -3.50
CA VAL B 353 19.70 -18.25 -2.60
C VAL B 353 20.94 -19.08 -2.93
N GLU B 354 21.72 -19.42 -1.90
CA GLU B 354 22.87 -20.30 -2.08
C GLU B 354 22.48 -21.68 -2.56
N SER B 355 23.40 -22.28 -3.31
CA SER B 355 23.32 -23.66 -3.74
CA SER B 355 23.32 -23.67 -3.73
C SER B 355 24.70 -24.31 -3.65
N ASP B 356 24.72 -25.61 -3.42
CA ASP B 356 25.95 -26.35 -3.16
C ASP B 356 26.01 -27.61 -4.04
N PHE B 357 27.01 -27.70 -4.93
CA PHE B 357 27.19 -28.92 -5.73
C PHE B 357 27.54 -30.14 -4.89
N PHE B 358 28.20 -29.91 -3.76
CA PHE B 358 28.45 -30.94 -2.75
C PHE B 358 29.32 -32.08 -3.34
N ASN B 359 30.18 -31.74 -4.30
CA ASN B 359 31.08 -32.70 -4.94
C ASN B 359 32.24 -33.15 -4.03
N ASP B 360 32.40 -32.46 -2.91
CA ASP B 360 33.41 -32.80 -1.93
C ASP B 360 32.74 -32.89 -0.56
N GLY B 361 31.43 -33.20 -0.56
CA GLY B 361 30.67 -33.21 0.69
C GLY B 361 30.75 -31.88 1.41
N THR B 362 30.98 -31.93 2.72
CA THR B 362 31.13 -30.71 3.51
C THR B 362 32.51 -30.05 3.34
N GLY B 363 33.35 -30.65 2.49
CA GLY B 363 34.73 -30.23 2.32
C GLY B 363 34.92 -28.98 1.48
N LYS B 364 36.16 -28.51 1.48
CA LYS B 364 36.49 -27.19 0.89
C LYS B 364 36.33 -27.11 -0.62
N ASN B 365 36.32 -28.26 -1.29
CA ASN B 365 36.27 -28.23 -2.74
C ASN B 365 34.86 -28.33 -3.30
N SER B 366 33.85 -28.39 -2.43
CA SER B 366 32.47 -28.38 -2.92
C SER B 366 32.12 -27.02 -3.50
N TYR B 367 31.82 -27.02 -4.80
CA TYR B 367 31.49 -25.77 -5.52
C TYR B 367 30.17 -25.19 -5.07
N ARG B 368 30.18 -23.87 -4.84
CA ARG B 368 28.98 -23.15 -4.43
C ARG B 368 28.57 -22.11 -5.46
N ALA B 369 27.29 -22.11 -5.78
CA ALA B 369 26.73 -21.15 -6.74
C ALA B 369 25.58 -20.38 -6.09
N ILE B 370 25.08 -19.36 -6.76
CA ILE B 370 23.97 -18.56 -6.22
C ILE B 370 22.86 -18.45 -7.25
N ILE B 371 21.67 -18.82 -6.82
CA ILE B 371 20.47 -18.79 -7.63
CA ILE B 371 20.47 -18.80 -7.64
C ILE B 371 19.71 -17.49 -7.45
N TRP B 372 19.22 -16.93 -8.55
CA TRP B 372 18.32 -15.77 -8.50
C TRP B 372 16.90 -16.24 -8.80
N ARG B 373 15.95 -15.80 -7.98
CA ARG B 373 14.54 -16.14 -8.13
C ARG B 373 13.70 -14.88 -8.12
N ARG B 374 12.69 -14.88 -8.99
CA ARG B 374 11.65 -13.88 -8.93
C ARG B 374 10.34 -14.65 -8.81
N PHE B 375 9.47 -14.21 -7.90
CA PHE B 375 8.14 -14.78 -7.82
C PHE B 375 7.15 -13.76 -7.28
N ASN B 376 5.91 -13.84 -7.73
CA ASN B 376 4.89 -12.96 -7.17
C ASN B 376 4.25 -13.54 -5.92
N LEU B 377 3.43 -12.75 -5.26
CA LEU B 377 2.80 -13.20 -4.03
C LEU B 377 1.87 -14.37 -4.33
N SER B 378 1.23 -14.33 -5.50
CA SER B 378 0.33 -15.41 -5.96
C SER B 378 1.01 -16.77 -5.98
N TRP B 379 2.25 -16.82 -6.46
CA TRP B 379 3.02 -18.08 -6.41
C TRP B 379 3.16 -18.66 -5.00
N ILE B 380 3.44 -17.79 -4.01
CA ILE B 380 3.52 -18.25 -2.64
C ILE B 380 2.16 -18.76 -2.15
N LEU B 381 1.13 -17.93 -2.38
CA LEU B 381 -0.20 -18.16 -1.85
C LEU B 381 -0.91 -19.38 -2.47
N ASN B 382 -0.56 -19.71 -3.71
CA ASN B 382 -1.19 -20.82 -4.42
C ASN B 382 -0.42 -22.15 -4.26
N GLY B 383 0.59 -22.13 -3.39
CA GLY B 383 1.27 -23.35 -2.96
C GLY B 383 0.43 -24.06 -1.90
N PRO B 384 0.75 -25.34 -1.64
CA PRO B 384 0.02 -26.12 -0.61
C PRO B 384 0.18 -25.60 0.82
N ASN B 385 -0.85 -25.86 1.64
CA ASN B 385 -0.83 -25.59 3.10
C ASN B 385 -1.14 -24.16 3.55
N ASN B 386 -1.60 -23.33 2.62
CA ASN B 386 -1.95 -21.95 2.98
C ASN B 386 -3.45 -21.70 2.91
C1 FKD C . -29.07 17.81 -10.15
F1 FKD C . -31.19 17.71 -8.34
C2 FKD C . -28.91 18.19 -8.67
C3 FKD C . -29.97 17.51 -7.77
C4 FKD C . -29.84 18.04 -6.35
O4 FKD C . -30.93 17.53 -5.59
C5 FKD C . -29.87 19.58 -6.32
O5 FKD C . -29.69 20.06 -4.99
C6 FKD C . -28.75 20.15 -7.21
O6 FKD C . -28.90 19.59 -8.53
C7 FKD C . -28.75 21.68 -7.38
O7 FKD C . -29.94 22.10 -8.02
C8 FKD C . -27.55 22.13 -8.26
O8 FKD C . -26.33 21.79 -7.62
C9 FKD C . -27.55 23.64 -8.53
O9 FKD C . -27.51 24.35 -7.29
O1A FKD C . -29.68 16.76 -10.43
O1B FKD C . -28.52 18.55 -10.99
O1A K99 D . -28.79 15.37 -18.55
C1 K99 D . -28.82 14.31 -19.21
O1B K99 D . -27.81 13.67 -19.62
C2 K99 D . -30.20 13.75 -19.61
C3 K99 D . -30.23 12.21 -19.59
F1 K99 D . -31.36 11.79 -20.27
C4 K99 D . -30.24 11.62 -18.17
O4 K99 D . -30.36 10.20 -18.24
O6 K99 D . -31.26 14.23 -18.75
C6 K99 D . -31.30 13.75 -17.37
C5 K99 D . -31.38 12.21 -17.35
O5 K99 D . -31.30 11.75 -16.00
C7 K99 D . -32.42 14.55 -16.69
O7 K99 D . -33.68 14.18 -17.23
C8 K99 D . -32.17 16.05 -16.96
O8 K99 D . -30.81 16.38 -16.61
C9 K99 D . -33.15 16.99 -16.23
O9 K99 D . -33.14 16.72 -14.82
F2 K99 D . -30.46 14.16 -20.86
O1A K99 E . -1.93 6.59 -15.56
C1 K99 E . -1.59 7.29 -16.53
O1B K99 E . -0.93 6.87 -17.51
C2 K99 E . -2.00 8.78 -16.59
C3 K99 E . -2.58 9.31 -15.26
F1 K99 E . -3.16 10.55 -15.50
C4 K99 E . -1.52 9.40 -14.15
O4 K99 E . -2.05 9.99 -12.98
O6 K99 E . -0.87 9.63 -16.93
C6 K99 E . 0.20 9.59 -15.92
C5 K99 E . -0.32 10.23 -14.62
O5 K99 E . 0.69 10.22 -13.61
C7 K99 E . 1.49 10.25 -16.40
O7 K99 E . 1.15 11.42 -17.15
C8 K99 E . 2.37 9.27 -17.22
O8 K99 E . 1.58 8.64 -18.23
C9 K99 E . 3.02 8.15 -16.36
O9 K99 E . 4.16 8.64 -15.64
F2 K99 E . -2.94 8.94 -17.54
C1 GOL F . -19.20 4.96 18.28
O1 GOL F . -18.62 3.84 17.66
C2 GOL F . -18.91 4.99 19.78
O2 GOL F . -20.01 5.31 20.61
C3 GOL F . -18.14 3.80 20.32
O3 GOL F . -17.02 4.36 20.94
N NO3 G . -10.09 26.41 9.31
O1 NO3 G . -11.16 26.16 10.19
O2 NO3 G . -9.88 27.70 8.82
O3 NO3 G . -9.22 25.38 8.93
NA NA H . -41.26 13.57 5.05
CL CL I . -26.28 22.84 -4.93
C1 FKD J . 27.89 -20.42 7.38
F1 FKD J . 30.24 -19.42 6.30
C2 FKD J . 28.31 -18.96 7.54
C3 FKD J . 29.27 -18.48 6.45
C4 FKD J . 29.86 -17.11 6.79
O4 FKD J . 30.81 -16.82 5.78
C5 FKD J . 30.51 -17.10 8.19
O5 FKD J . 30.95 -15.76 8.48
C6 FKD J . 29.42 -17.50 9.21
O6 FKD J . 28.84 -18.82 8.86
C7 FKD J . 29.95 -17.64 10.63
O7 FKD J . 30.99 -18.64 10.64
C8 FKD J . 28.82 -18.08 11.57
O8 FKD J . 27.80 -17.09 11.56
C9 FKD J . 29.32 -18.30 13.02
O9 FKD J . 29.97 -17.14 13.53
O1A FKD J . 27.91 -20.92 6.23
O1B FKD J . 27.47 -20.98 8.40
O1A K99 K . 23.93 -28.10 6.26
C1 K99 K . 23.39 -28.84 5.41
O1B K99 K . 22.16 -29.01 5.26
C2 K99 K . 24.33 -29.68 4.52
C3 K99 K . 23.83 -29.74 3.07
F1 K99 K . 24.50 -30.78 2.44
C4 K99 K . 24.06 -28.42 2.31
O4 K99 K . 23.64 -28.54 0.93
O6 K99 K . 25.68 -29.17 4.55
C6 K99 K . 25.97 -27.90 3.86
C5 K99 K . 25.52 -27.97 2.39
O5 K99 K . 25.68 -26.69 1.77
C7 K99 K . 27.45 -27.60 4.12
O7 K99 K . 28.25 -28.57 3.45
C8 K99 K . 27.79 -27.67 5.63
O8 K99 K . 26.75 -27.02 6.40
C9 K99 K . 29.15 -27.05 5.98
O9 K99 K . 29.60 -26.15 4.95
F2 K99 K . 24.41 -30.92 5.06
O1A K99 L . -3.34 -17.47 7.68
C1 K99 L . -2.26 -16.84 7.73
O1B K99 L . -1.87 -16.03 6.86
C2 K99 L . -1.36 -17.10 8.97
C3 K99 L . -0.21 -16.08 9.07
F1 K99 L . 0.74 -16.51 9.99
C4 K99 L . -0.74 -14.70 9.47
O4 K99 L . 0.37 -13.79 9.64
O6 K99 L . -2.13 -17.09 10.21
C6 K99 L . -2.70 -15.80 10.59
C5 K99 L . -1.55 -14.79 10.76
O5 K99 L . -2.09 -13.51 11.10
C7 K99 L . -3.56 -15.96 11.86
O7 K99 L . -2.77 -16.62 12.87
C8 K99 L . -4.86 -16.76 11.61
O8 K99 L . -5.41 -16.47 10.30
C9 K99 L . -5.97 -16.45 12.64
O9 K99 L . -5.45 -16.33 13.97
F2 K99 L . -0.83 -18.33 8.86
C1 GOL M . 24.87 4.38 -14.83
O1 GOL M . 24.71 3.62 -13.65
C2 GOL M . 25.06 5.87 -14.52
O2 GOL M . 24.91 6.17 -13.15
C3 GOL M . 24.08 6.69 -15.35
O3 GOL M . 24.44 8.06 -15.29
C1 GOL N . 10.96 2.41 14.55
O1 GOL N . 10.54 1.86 15.79
C2 GOL N . 11.25 3.90 14.66
O2 GOL N . 10.41 4.63 13.80
C3 GOL N . 11.05 4.35 16.09
O3 GOL N . 12.21 4.03 16.81
C1 GOL O . 30.73 1.15 23.46
O1 GOL O . 31.05 -0.02 22.75
C2 GOL O . 29.56 0.88 24.41
O2 GOL O . 28.55 0.17 23.71
C3 GOL O . 30.05 0.09 25.62
O3 GOL O . 31.05 0.86 26.29
C1 GOL P . 19.94 4.72 19.79
O1 GOL P . 19.23 4.54 18.58
C2 GOL P . 21.35 4.13 19.69
O2 GOL P . 22.15 4.75 20.66
C3 GOL P . 21.96 4.44 18.32
O3 GOL P . 22.02 5.84 18.18
NA NA Q . 41.77 -10.44 -2.99
CL CL R . 29.01 -14.52 12.24
O1A K99 S . 1.56 -8.18 -5.66
C1 K99 S . 1.71 -6.94 -5.52
O1B K99 S . 2.80 -6.38 -5.26
C2 K99 S . 0.49 -6.02 -5.75
C3 K99 S . -0.85 -6.71 -5.37
F1 K99 S . -1.89 -6.04 -5.99
C4 K99 S . -1.08 -6.76 -3.85
O4 K99 S . -2.40 -7.25 -3.58
O6 K99 S . 0.67 -4.77 -5.06
C6 K99 S . 0.51 -4.81 -3.61
C5 K99 S . -0.86 -5.39 -3.21
O5 K99 S . -0.92 -5.50 -1.78
C7 K99 S . 0.79 -3.41 -3.03
O7 K99 S . -0.27 -2.52 -3.40
C8 K99 S . 2.13 -2.84 -3.52
O8 K99 S . 3.14 -3.84 -3.54
C9 K99 S . 2.57 -1.71 -2.61
O9 K99 S . 3.70 -1.07 -3.21
F2 K99 S . 0.43 -5.71 -7.04
#